data_8PLP
#
_entry.id   8PLP
#
_cell.length_a   62.103
_cell.length_b   104.095
_cell.length_c   134.786
_cell.angle_alpha   90.000
_cell.angle_beta   91.680
_cell.angle_gamma   90.000
#
_symmetry.space_group_name_H-M   'P 1 21 1'
#
loop_
_entity.id
_entity.type
_entity.pdbx_description
1 polymer 'Thioredoxin glutathione reductase'
2 non-polymer 'FLAVIN-ADENINE DINUCLEOTIDE'
3 non-polymer '(3R)-1-methylpiperidin-3-yl furan-2-carboxylate'
4 water water
#
_entity_poly.entity_id   1
_entity_poly.type   'polypeptide(L)'
_entity_poly.pdbx_seq_one_letter_code
;GPPPADGTSQWLRKTVDSAAVILFSKTTCPYCKKVKDVLAEAKIKHATIELDQLSNGSAIQKCLASFSKIETVPQMFVRG
KFIGDSQTVLKYYSNDELAGIVNESKYDYDLIVIGGGSGGLAAGKEAAKYGAKTAVLDYVEPTPIGTTWGLGGTCVNVGC
IPKKLMHQAGLLSHALEDAEHFGWSLDRSKISHNWSTMVEGVQSHIGSLNWGYKVALRDNQVTYLNAKGRLISPHEVQIT
DKNQKVSTITGNKIILATGERPKYPEIPGAVEYGITSDDLFSLPYFPGKTLVIGASYVALECAGFLASLGGDVTVMVRSI
LLRGFDQQMAEKVGDYMENHGVKFAKLCVPDEIKQLKVVDTENNKPGLLLVKGHYTDGKKFEEEFETVIFAVGREPQLSK
VLCETVGVKLDKNGRVVCTDDEQTTVSNVYAIGDINAGKPQLTPVAIQAGRYLARRLFAGATELTDYSNVATTVFTPLEY
GACGLSEEDAIEKYGDKDIEVYHSNFKPLEWTVAHREDNVCYMKLVCRKSDNMRVLGLHVLGPNAGEITQGYAVAIKMGA
TKADFDRTIGIHPTCSETFTTLHVTKKSGVSPIVSGC
;
_entity_poly.pdbx_strand_id   A,B
#
# COMPACT_ATOMS: atom_id res chain seq x y z
N GLY A 7 -9.48 -19.63 -19.82
CA GLY A 7 -9.36 -18.93 -21.10
C GLY A 7 -9.84 -17.50 -21.05
N THR A 8 -11.11 -17.32 -20.68
CA THR A 8 -11.69 -15.98 -20.63
C THR A 8 -11.17 -15.19 -19.43
N SER A 9 -10.86 -15.85 -18.32
CA SER A 9 -10.39 -15.13 -17.15
C SER A 9 -9.02 -14.48 -17.40
N GLN A 10 -8.13 -15.18 -18.12
CA GLN A 10 -6.80 -14.64 -18.39
C GLN A 10 -6.86 -13.43 -19.32
N TRP A 11 -7.87 -13.36 -20.18
CA TRP A 11 -8.07 -12.18 -21.02
C TRP A 11 -8.53 -10.98 -20.18
N LEU A 12 -9.50 -11.20 -19.29
CA LEU A 12 -10.03 -10.09 -18.50
C LEU A 12 -8.95 -9.50 -17.61
N ARG A 13 -8.08 -10.35 -17.05
CA ARG A 13 -7.00 -9.85 -16.19
C ARG A 13 -6.02 -9.01 -16.99
N LYS A 14 -5.62 -9.50 -18.16
CA LYS A 14 -4.68 -8.76 -18.99
C LYS A 14 -5.27 -7.43 -19.43
N THR A 15 -6.56 -7.42 -19.79
CA THR A 15 -7.22 -6.19 -20.21
C THR A 15 -7.31 -5.17 -19.06
N VAL A 16 -7.75 -5.61 -17.88
CA VAL A 16 -7.94 -4.68 -16.78
C VAL A 16 -6.62 -4.07 -16.30
N ASP A 17 -5.52 -4.82 -16.39
CA ASP A 17 -4.25 -4.36 -15.81
C ASP A 17 -3.54 -3.31 -16.67
N SER A 18 -3.58 -3.44 -18.00
CA SER A 18 -2.85 -2.51 -18.85
C SER A 18 -3.69 -1.33 -19.33
N ALA A 19 -5.00 -1.49 -19.48
CA ALA A 19 -5.86 -0.39 -19.89
C ALA A 19 -5.73 0.79 -18.92
N ALA A 20 -5.78 2.02 -19.48
CA ALA A 20 -5.63 3.21 -18.66
C ALA A 20 -6.96 3.64 -18.04
N VAL A 21 -8.01 3.77 -18.86
CA VAL A 21 -9.38 4.01 -18.41
C VAL A 21 -10.29 3.13 -19.26
N ILE A 22 -11.08 2.26 -18.63
CA ILE A 22 -11.93 1.34 -19.39
C ILE A 22 -13.28 1.17 -18.69
N LEU A 23 -14.35 1.24 -19.49
CA LEU A 23 -15.73 1.13 -19.04
C LEU A 23 -16.31 -0.16 -19.60
N PHE A 24 -16.83 -1.02 -18.71
CA PHE A 24 -17.57 -2.22 -19.13
C PHE A 24 -19.06 -1.87 -19.14
N SER A 25 -19.73 -2.18 -20.25
CA SER A 25 -21.02 -1.57 -20.51
C SER A 25 -21.92 -2.52 -21.31
N LYS A 26 -23.19 -2.11 -21.41
CA LYS A 26 -24.20 -2.74 -22.25
C LYS A 26 -24.98 -1.65 -22.98
N THR A 27 -25.25 -1.87 -24.27
CA THR A 27 -25.99 -0.88 -25.06
C THR A 27 -27.44 -0.75 -24.61
N THR A 28 -27.96 -1.76 -23.90
CA THR A 28 -29.35 -1.76 -23.48
C THR A 28 -29.58 -0.97 -22.19
N CYS A 29 -28.60 -0.92 -21.31
CA CYS A 29 -28.78 -0.37 -19.96
C CYS A 29 -28.65 1.15 -19.97
N PRO A 30 -29.62 1.88 -19.41
CA PRO A 30 -29.52 3.35 -19.39
C PRO A 30 -28.59 3.87 -18.32
N TYR A 31 -28.37 3.11 -17.25
CA TYR A 31 -27.41 3.52 -16.24
C TYR A 31 -26.01 3.65 -16.85
N CYS A 32 -25.68 2.79 -17.82
CA CYS A 32 -24.41 2.93 -18.53
C CYS A 32 -24.36 4.23 -19.30
N LYS A 33 -25.47 4.64 -19.91
CA LYS A 33 -25.50 5.90 -20.65
C LYS A 33 -25.28 7.09 -19.74
N LYS A 34 -25.79 7.03 -18.50
CA LYS A 34 -25.56 8.13 -17.57
C LYS A 34 -24.07 8.28 -17.27
N VAL A 35 -23.34 7.16 -17.19
CA VAL A 35 -21.89 7.25 -16.96
C VAL A 35 -21.19 7.71 -18.23
N LYS A 36 -21.55 7.13 -19.37
CA LYS A 36 -20.97 7.56 -20.64
C LYS A 36 -21.07 9.08 -20.79
N ASP A 37 -22.29 9.61 -20.58
CA ASP A 37 -22.51 11.05 -20.73
C ASP A 37 -21.62 11.85 -19.78
N VAL A 38 -21.49 11.39 -18.53
CA VAL A 38 -20.62 12.07 -17.57
C VAL A 38 -19.17 12.06 -18.05
N LEU A 39 -18.70 10.90 -18.55
CA LEU A 39 -17.32 10.81 -19.04
C LEU A 39 -17.10 11.75 -20.23
N ALA A 40 -18.08 11.85 -21.13
CA ALA A 40 -17.96 12.75 -22.27
C ALA A 40 -17.83 14.21 -21.81
N GLU A 41 -18.69 14.62 -20.87
CA GLU A 41 -18.70 16.01 -20.42
C GLU A 41 -17.37 16.42 -19.81
N ALA A 42 -16.73 15.53 -19.06
CA ALA A 42 -15.48 15.82 -18.38
C ALA A 42 -14.27 15.62 -19.27
N LYS A 43 -14.49 15.35 -20.56
CA LYS A 43 -13.42 15.16 -21.54
C LYS A 43 -12.47 14.04 -21.11
N ILE A 44 -13.06 12.94 -20.66
CA ILE A 44 -12.32 11.79 -20.16
C ILE A 44 -12.36 10.72 -21.24
N LYS A 45 -11.22 10.51 -21.90
CA LYS A 45 -11.10 9.49 -22.92
C LYS A 45 -10.89 8.12 -22.29
N HIS A 46 -11.51 7.11 -22.89
CA HIS A 46 -11.56 5.78 -22.30
C HIS A 46 -11.89 4.77 -23.38
N ALA A 47 -11.56 3.53 -23.10
CA ALA A 47 -12.09 2.42 -23.89
C ALA A 47 -13.45 2.04 -23.35
N THR A 48 -14.20 1.31 -24.17
CA THR A 48 -15.50 0.80 -23.76
C THR A 48 -15.67 -0.58 -24.35
N ILE A 49 -16.25 -1.48 -23.58
CA ILE A 49 -16.51 -2.84 -24.02
C ILE A 49 -17.98 -3.13 -23.74
N GLU A 50 -18.77 -3.33 -24.80
CA GLU A 50 -20.21 -3.58 -24.69
C GLU A 50 -20.43 -5.08 -24.60
N LEU A 51 -20.70 -5.56 -23.38
CA LEU A 51 -20.79 -7.00 -23.14
C LEU A 51 -21.87 -7.66 -23.99
N ASP A 52 -22.95 -6.94 -24.32
CA ASP A 52 -24.01 -7.49 -25.16
C ASP A 52 -23.66 -7.45 -26.64
N GLN A 53 -22.40 -7.72 -26.97
CA GLN A 53 -21.94 -7.86 -28.34
C GLN A 53 -20.82 -8.89 -28.46
N LEU A 54 -20.33 -9.44 -27.35
CA LEU A 54 -19.40 -10.55 -27.34
C LEU A 54 -20.15 -11.79 -26.88
N SER A 55 -19.92 -12.92 -27.55
CA SER A 55 -20.73 -14.10 -27.27
C SER A 55 -20.48 -14.63 -25.87
N ASN A 56 -19.22 -14.65 -25.41
CA ASN A 56 -18.90 -15.02 -24.04
C ASN A 56 -19.06 -13.86 -23.05
N GLY A 57 -19.97 -12.91 -23.34
CA GLY A 57 -20.14 -11.74 -22.50
C GLY A 57 -20.85 -11.99 -21.18
N SER A 58 -21.49 -13.15 -21.02
CA SER A 58 -22.12 -13.52 -19.75
C SER A 58 -21.12 -14.13 -18.78
N ALA A 59 -20.09 -14.81 -19.28
CA ALA A 59 -18.98 -15.22 -18.42
C ALA A 59 -18.08 -14.04 -18.06
N ILE A 60 -18.00 -13.02 -18.93
CA ILE A 60 -17.19 -11.84 -18.63
C ILE A 60 -17.84 -11.03 -17.51
N GLN A 61 -19.17 -10.87 -17.56
CA GLN A 61 -19.87 -10.19 -16.47
C GLN A 61 -19.68 -10.92 -15.15
N LYS A 62 -19.69 -12.26 -15.18
CA LYS A 62 -19.42 -13.04 -13.97
C LYS A 62 -17.98 -12.84 -13.50
N CYS A 63 -17.02 -12.96 -14.43
CA CYS A 63 -15.61 -12.87 -14.03
C CYS A 63 -15.23 -11.47 -13.53
N LEU A 64 -16.01 -10.44 -13.89
CA LEU A 64 -15.75 -9.10 -13.39
C LEU A 64 -15.79 -9.05 -11.87
N ALA A 65 -16.64 -9.86 -11.24
CA ALA A 65 -16.79 -9.82 -9.78
C ALA A 65 -15.51 -10.20 -9.06
N SER A 66 -14.61 -10.96 -9.70
CA SER A 66 -13.30 -11.21 -9.11
C SER A 66 -12.54 -9.92 -8.84
N PHE A 67 -12.87 -8.85 -9.55
CA PHE A 67 -12.18 -7.56 -9.42
C PHE A 67 -12.97 -6.55 -8.61
N SER A 68 -14.29 -6.51 -8.78
CA SER A 68 -15.12 -5.48 -8.17
C SER A 68 -16.03 -5.98 -7.05
N LYS A 69 -16.10 -7.29 -6.85
CA LYS A 69 -17.05 -7.92 -5.94
C LYS A 69 -18.50 -7.65 -6.32
N ILE A 70 -18.76 -7.17 -7.54
CA ILE A 70 -20.12 -6.99 -8.04
C ILE A 70 -20.20 -7.54 -9.46
N GLU A 71 -21.43 -7.88 -9.89
CA GLU A 71 -21.65 -8.57 -11.16
C GLU A 71 -22.52 -7.79 -12.13
N THR A 72 -22.60 -6.47 -11.99
CA THR A 72 -23.50 -5.64 -12.79
C THR A 72 -22.71 -4.63 -13.61
N VAL A 73 -23.40 -4.00 -14.56
CA VAL A 73 -22.81 -2.92 -15.36
C VAL A 73 -23.54 -1.61 -15.04
N PRO A 74 -22.87 -0.45 -15.11
CA PRO A 74 -21.48 -0.19 -15.57
C PRO A 74 -20.41 -0.53 -14.55
N GLN A 75 -19.19 -0.76 -15.01
CA GLN A 75 -18.02 -0.88 -14.14
C GLN A 75 -16.87 -0.14 -14.80
N MET A 76 -16.32 0.83 -14.07
CA MET A 76 -15.24 1.67 -14.55
C MET A 76 -13.94 1.34 -13.80
N PHE A 77 -12.87 1.09 -14.55
CA PHE A 77 -11.55 0.80 -14.01
C PHE A 77 -10.55 1.88 -14.43
N VAL A 78 -9.54 2.10 -13.60
CA VAL A 78 -8.46 3.02 -13.91
C VAL A 78 -7.16 2.31 -13.57
N ARG A 79 -6.36 1.98 -14.59
CA ARG A 79 -5.03 1.41 -14.43
C ARG A 79 -5.06 0.22 -13.47
N GLY A 80 -6.00 -0.69 -13.70
CA GLY A 80 -6.07 -1.92 -12.95
C GLY A 80 -6.83 -1.88 -11.63
N LYS A 81 -7.37 -0.73 -11.24
CA LYS A 81 -8.10 -0.58 -9.97
C LYS A 81 -9.55 -0.23 -10.24
N PHE A 82 -10.47 -0.96 -9.60
CA PHE A 82 -11.90 -0.72 -9.77
C PHE A 82 -12.29 0.57 -9.07
N ILE A 83 -13.05 1.41 -9.77
CA ILE A 83 -13.36 2.76 -9.34
C ILE A 83 -14.79 2.86 -8.81
N GLY A 84 -15.73 2.14 -9.40
CA GLY A 84 -17.07 2.13 -8.86
C GLY A 84 -18.13 1.91 -9.93
N ASP A 85 -19.37 1.80 -9.45
CA ASP A 85 -20.57 1.63 -10.27
C ASP A 85 -21.14 3.00 -10.62
N SER A 86 -22.40 3.05 -11.06
CA SER A 86 -23.03 4.31 -11.45
C SER A 86 -23.00 5.34 -10.31
N GLN A 87 -23.52 4.96 -9.12
CA GLN A 87 -23.61 5.91 -8.02
C GLN A 87 -22.23 6.44 -7.62
N THR A 88 -21.21 5.56 -7.61
CA THR A 88 -19.89 5.96 -7.13
C THR A 88 -19.20 6.94 -8.08
N VAL A 89 -19.33 6.74 -9.40
CA VAL A 89 -18.74 7.69 -10.35
C VAL A 89 -19.40 9.07 -10.22
N LEU A 90 -20.73 9.09 -10.18
CA LEU A 90 -21.45 10.36 -10.05
C LEU A 90 -21.08 11.09 -8.77
N LYS A 91 -20.90 10.34 -7.67
CA LYS A 91 -20.46 10.94 -6.42
C LYS A 91 -19.12 11.63 -6.58
N TYR A 92 -18.20 11.03 -7.34
CA TYR A 92 -16.90 11.64 -7.58
C TYR A 92 -17.01 12.86 -8.50
N TYR A 93 -17.96 12.83 -9.44
CA TYR A 93 -18.13 13.97 -10.34
C TYR A 93 -18.59 15.21 -9.59
N SER A 94 -19.74 15.13 -8.92
CA SER A 94 -20.28 16.31 -8.26
C SER A 94 -19.44 16.73 -7.06
N ASN A 95 -18.50 15.91 -6.60
CA ASN A 95 -17.61 16.26 -5.50
C ASN A 95 -16.27 16.79 -5.97
N ASP A 96 -16.06 16.94 -7.28
CA ASP A 96 -14.79 17.42 -7.85
C ASP A 96 -13.65 16.48 -7.48
N GLU A 97 -13.92 15.18 -7.45
CA GLU A 97 -12.90 14.19 -7.15
C GLU A 97 -12.49 13.36 -8.36
N LEU A 98 -13.30 13.35 -9.43
CA LEU A 98 -13.10 12.39 -10.51
C LEU A 98 -11.83 12.68 -11.30
N ALA A 99 -11.50 13.97 -11.51
CA ALA A 99 -10.31 14.31 -12.28
C ALA A 99 -9.06 13.66 -11.69
N GLY A 100 -8.81 13.85 -10.40
CA GLY A 100 -7.61 13.33 -9.78
C GLY A 100 -7.58 11.81 -9.73
N ILE A 101 -8.76 11.19 -9.64
CA ILE A 101 -8.85 9.73 -9.77
C ILE A 101 -8.26 9.29 -11.11
N VAL A 102 -8.82 9.80 -12.22
CA VAL A 102 -8.44 9.31 -13.55
C VAL A 102 -7.02 9.67 -13.94
N ASN A 103 -6.31 10.48 -13.17
CA ASN A 103 -4.90 10.77 -13.42
C ASN A 103 -3.98 10.11 -12.41
N GLU A 104 -4.49 9.20 -11.60
CA GLU A 104 -3.66 8.45 -10.66
C GLU A 104 -2.78 7.49 -11.43
N SER A 105 -1.46 7.65 -11.33
CA SER A 105 -0.57 6.69 -11.97
C SER A 105 0.78 6.63 -11.27
N LYS A 106 1.29 5.41 -11.13
CA LYS A 106 2.67 5.20 -10.68
C LYS A 106 3.69 5.84 -11.62
N TYR A 107 3.31 6.08 -12.88
CA TYR A 107 4.24 6.52 -13.91
C TYR A 107 3.87 7.89 -14.46
N ASP A 108 4.83 8.53 -15.13
CA ASP A 108 4.55 9.77 -15.85
C ASP A 108 3.58 9.55 -17.00
N TYR A 109 3.78 8.48 -17.78
CA TYR A 109 2.96 8.20 -18.94
C TYR A 109 2.49 6.75 -18.93
N ASP A 110 1.29 6.52 -19.46
CA ASP A 110 0.86 5.15 -19.72
C ASP A 110 1.69 4.50 -20.81
N LEU A 111 2.23 5.29 -21.73
CA LEU A 111 2.93 4.76 -22.89
C LEU A 111 3.98 5.77 -23.32
N ILE A 112 5.20 5.30 -23.55
CA ILE A 112 6.26 6.11 -24.14
C ILE A 112 6.68 5.45 -25.45
N VAL A 113 6.63 6.20 -26.54
CA VAL A 113 7.07 5.72 -27.86
C VAL A 113 8.42 6.36 -28.20
N ILE A 114 9.42 5.52 -28.49
CA ILE A 114 10.74 6.02 -28.89
C ILE A 114 10.87 5.86 -30.41
N GLY A 115 10.76 7.00 -31.11
CA GLY A 115 10.82 7.01 -32.56
C GLY A 115 9.58 7.63 -33.15
N GLY A 116 9.73 8.74 -33.88
CA GLY A 116 8.58 9.43 -34.43
C GLY A 116 8.36 9.20 -35.92
N GLY A 117 8.35 7.92 -36.35
CA GLY A 117 8.19 7.58 -37.76
C GLY A 117 6.89 6.88 -38.09
N SER A 118 6.89 6.07 -39.16
CA SER A 118 5.67 5.41 -39.61
C SER A 118 4.99 4.65 -38.48
N GLY A 119 5.72 3.72 -37.84
CA GLY A 119 5.11 2.90 -36.81
C GLY A 119 4.86 3.65 -35.51
N GLY A 120 5.86 4.43 -35.07
CA GLY A 120 5.74 5.14 -33.80
C GLY A 120 4.58 6.13 -33.77
N LEU A 121 4.44 6.93 -34.83
CA LEU A 121 3.33 7.87 -34.89
C LEU A 121 1.99 7.15 -34.89
N ALA A 122 1.89 6.03 -35.62
CA ALA A 122 0.61 5.32 -35.68
C ALA A 122 0.24 4.75 -34.31
N ALA A 123 1.20 4.12 -33.64
CA ALA A 123 0.95 3.55 -32.31
C ALA A 123 0.55 4.63 -31.30
N GLY A 124 1.29 5.75 -31.27
CA GLY A 124 0.97 6.79 -30.30
C GLY A 124 -0.40 7.41 -30.49
N LYS A 125 -0.80 7.63 -31.76
CA LYS A 125 -2.10 8.27 -31.98
C LYS A 125 -3.22 7.34 -31.55
N GLU A 126 -3.08 6.04 -31.82
CA GLU A 126 -4.17 5.11 -31.56
C GLU A 126 -4.37 4.87 -30.07
N ALA A 127 -3.27 4.83 -29.30
CA ALA A 127 -3.39 4.56 -27.86
C ALA A 127 -4.05 5.73 -27.14
N ALA A 128 -3.76 6.95 -27.58
CA ALA A 128 -4.37 8.15 -27.00
C ALA A 128 -5.88 8.17 -27.18
N LYS A 129 -6.39 7.61 -28.28
CA LYS A 129 -7.83 7.57 -28.50
C LYS A 129 -8.57 6.82 -27.40
N TYR A 130 -7.88 5.96 -26.64
CA TYR A 130 -8.50 5.20 -25.57
C TYR A 130 -8.07 5.69 -24.19
N GLY A 131 -7.62 6.94 -24.10
CA GLY A 131 -7.35 7.56 -22.83
C GLY A 131 -5.99 7.28 -22.24
N ALA A 132 -5.06 6.73 -23.02
CA ALA A 132 -3.72 6.48 -22.53
C ALA A 132 -2.88 7.75 -22.65
N LYS A 133 -2.27 8.17 -21.54
CA LYS A 133 -1.40 9.33 -21.54
C LYS A 133 -0.10 8.98 -22.25
N THR A 134 0.21 9.69 -23.34
CA THR A 134 1.20 9.22 -24.29
C THR A 134 2.24 10.28 -24.63
N ALA A 135 3.50 9.86 -24.71
CA ALA A 135 4.58 10.70 -25.17
C ALA A 135 5.24 10.03 -26.37
N VAL A 136 5.54 10.82 -27.39
CA VAL A 136 6.27 10.36 -28.57
C VAL A 136 7.54 11.18 -28.67
N LEU A 137 8.67 10.48 -28.76
CA LEU A 137 10.00 11.07 -28.88
C LEU A 137 10.48 10.86 -30.31
N ASP A 138 11.05 11.91 -30.91
CA ASP A 138 11.68 11.79 -32.21
C ASP A 138 12.86 12.74 -32.32
N TYR A 139 13.98 12.21 -32.80
CA TYR A 139 15.20 12.96 -33.04
C TYR A 139 15.84 12.45 -34.32
N VAL A 140 16.38 13.35 -35.12
CA VAL A 140 17.03 13.00 -36.38
C VAL A 140 18.52 13.31 -36.24
N GLU A 141 19.32 12.27 -36.00
CA GLU A 141 20.78 12.38 -36.07
C GLU A 141 21.17 12.88 -37.46
N PRO A 142 21.85 14.02 -37.56
CA PRO A 142 22.28 14.50 -38.90
C PRO A 142 23.24 13.52 -39.56
N THR A 143 23.28 13.58 -40.89
CA THR A 143 24.17 12.76 -41.70
C THR A 143 25.57 13.37 -41.68
N PRO A 144 26.58 12.69 -42.24
CA PRO A 144 27.95 13.23 -42.17
C PRO A 144 28.14 14.64 -42.71
N ILE A 145 27.45 15.03 -43.80
CA ILE A 145 27.53 16.42 -44.26
C ILE A 145 26.55 17.32 -43.54
N GLY A 146 25.75 16.79 -42.61
CA GLY A 146 24.88 17.60 -41.79
C GLY A 146 23.40 17.60 -42.13
N THR A 147 22.96 16.86 -43.16
CA THR A 147 21.57 16.90 -43.58
C THR A 147 20.64 16.48 -42.44
N THR A 148 19.54 17.22 -42.30
CA THR A 148 18.58 16.91 -41.25
C THR A 148 17.18 17.26 -41.76
N TRP A 149 16.15 16.76 -41.07
CA TRP A 149 14.76 16.92 -41.50
C TRP A 149 13.82 16.79 -40.31
N GLY A 150 12.50 16.89 -40.60
CA GLY A 150 11.49 17.03 -39.58
C GLY A 150 10.72 15.75 -39.27
N LEU A 151 9.67 15.91 -38.48
CA LEU A 151 8.96 14.77 -37.89
C LEU A 151 8.27 13.92 -38.95
N GLY A 152 8.25 12.60 -38.73
CA GLY A 152 7.50 11.69 -39.58
C GLY A 152 8.21 10.40 -39.98
N GLY A 153 9.54 10.39 -39.85
CA GLY A 153 10.32 9.19 -40.09
C GLY A 153 10.83 9.10 -41.53
N THR A 154 11.30 7.89 -41.86
CA THR A 154 12.12 7.70 -43.05
C THR A 154 11.29 7.80 -44.33
N CYS A 155 10.16 7.11 -44.39
CA CYS A 155 9.30 7.14 -45.58
C CYS A 155 8.90 8.58 -45.96
N VAL A 156 8.48 9.37 -44.97
CA VAL A 156 7.92 10.70 -45.20
C VAL A 156 9.00 11.66 -45.70
N ASN A 157 10.20 11.59 -45.11
CA ASN A 157 11.26 12.57 -45.32
C ASN A 157 12.32 12.14 -46.32
N VAL A 158 12.73 10.88 -46.35
CA VAL A 158 13.90 10.47 -47.12
C VAL A 158 13.67 9.09 -47.73
N GLY A 159 12.40 8.71 -47.92
CA GLY A 159 12.05 7.40 -48.45
C GLY A 159 10.91 7.43 -49.47
N CYS A 160 9.81 6.69 -49.18
CA CYS A 160 8.77 6.44 -50.19
C CYS A 160 8.24 7.73 -50.83
N ILE A 161 7.90 8.73 -50.02
CA ILE A 161 7.22 9.91 -50.52
C ILE A 161 8.10 10.70 -51.49
N PRO A 162 9.30 11.17 -51.12
CA PRO A 162 10.12 11.86 -52.12
C PRO A 162 10.61 10.96 -53.25
N LYS A 163 10.91 9.68 -52.97
CA LYS A 163 11.27 8.71 -54.00
C LYS A 163 10.20 8.62 -55.10
N LYS A 164 8.95 8.45 -54.71
CA LYS A 164 7.92 8.27 -55.73
C LYS A 164 7.60 9.58 -56.45
N LEU A 165 7.68 10.71 -55.76
CA LEU A 165 7.53 11.98 -56.46
C LEU A 165 8.57 12.11 -57.56
N MET A 166 9.85 11.85 -57.25
CA MET A 166 10.90 11.98 -58.26
C MET A 166 10.75 10.94 -59.36
N HIS A 167 10.39 9.70 -58.99
CA HIS A 167 10.01 8.71 -60.01
C HIS A 167 8.96 9.29 -60.95
N GLN A 168 7.95 9.99 -60.39
CA GLN A 168 6.88 10.56 -61.21
C GLN A 168 7.42 11.64 -62.15
N ALA A 169 8.40 12.43 -61.70
CA ALA A 169 9.00 13.42 -62.58
C ALA A 169 9.75 12.74 -63.71
N GLY A 170 10.35 11.58 -63.42
CA GLY A 170 11.01 10.80 -64.45
C GLY A 170 10.03 10.23 -65.46
N LEU A 171 8.94 9.61 -64.97
CA LEU A 171 7.91 9.09 -65.86
C LEU A 171 7.38 10.15 -66.81
N LEU A 172 7.30 11.41 -66.36
CA LEU A 172 6.72 12.44 -67.21
C LEU A 172 7.56 12.69 -68.46
N SER A 173 8.83 12.30 -68.47
CA SER A 173 9.66 12.45 -69.67
C SER A 173 9.09 11.63 -70.83
N HIS A 174 8.67 10.39 -70.54
CA HIS A 174 8.05 9.56 -71.58
C HIS A 174 6.70 10.10 -72.01
N ALA A 175 5.96 10.70 -71.06
CA ALA A 175 4.67 11.28 -71.41
C ALA A 175 4.84 12.40 -72.44
N LEU A 176 5.85 13.26 -72.26
CA LEU A 176 6.18 14.26 -73.28
C LEU A 176 6.53 13.61 -74.61
N GLU A 177 7.34 12.55 -74.57
CA GLU A 177 7.63 11.77 -75.78
C GLU A 177 6.35 11.23 -76.41
N ASP A 178 5.49 10.59 -75.60
CA ASP A 178 4.29 9.94 -76.15
C ASP A 178 3.31 10.97 -76.73
N ALA A 179 3.26 12.17 -76.14
CA ALA A 179 2.31 13.20 -76.54
C ALA A 179 2.38 13.50 -78.04
N GLU A 180 3.58 13.54 -78.60
CA GLU A 180 3.72 13.86 -80.01
C GLU A 180 2.99 12.85 -80.88
N HIS A 181 3.17 11.56 -80.59
CA HIS A 181 2.54 10.52 -81.39
C HIS A 181 1.02 10.56 -81.28
N PHE A 182 0.48 11.09 -80.18
CA PHE A 182 -0.98 11.20 -80.04
C PHE A 182 -1.53 12.50 -80.60
N GLY A 183 -0.72 13.33 -81.25
CA GLY A 183 -1.20 14.53 -81.93
C GLY A 183 -0.75 15.87 -81.35
N TRP A 184 -0.11 15.92 -80.19
CA TRP A 184 0.24 17.21 -79.59
C TRP A 184 1.48 17.77 -80.26
N SER A 185 1.58 19.10 -80.28
CA SER A 185 2.52 19.81 -81.14
C SER A 185 3.92 20.00 -80.54
N LEU A 186 4.12 19.71 -79.26
CA LEU A 186 5.42 19.95 -78.65
C LEU A 186 6.53 19.09 -79.28
N ASP A 187 7.78 19.48 -78.98
CA ASP A 187 8.98 18.79 -79.43
C ASP A 187 9.82 18.42 -78.21
N ARG A 188 9.85 17.12 -77.88
CA ARG A 188 10.53 16.65 -76.67
C ARG A 188 12.01 17.03 -76.64
N SER A 189 12.65 17.09 -77.81
CA SER A 189 14.08 17.34 -77.88
C SER A 189 14.46 18.73 -77.40
N LYS A 190 13.52 19.66 -77.31
CA LYS A 190 13.82 21.03 -76.92
C LYS A 190 13.49 21.33 -75.46
N ILE A 191 13.17 20.32 -74.66
CA ILE A 191 12.70 20.52 -73.30
C ILE A 191 13.71 19.94 -72.33
N SER A 192 14.01 20.70 -71.26
CA SER A 192 14.99 20.31 -70.27
C SER A 192 14.34 20.31 -68.88
N HIS A 193 15.05 19.72 -67.91
CA HIS A 193 14.55 19.55 -66.56
C HIS A 193 15.39 20.36 -65.57
N ASN A 194 14.71 21.06 -64.66
CA ASN A 194 15.36 21.88 -63.62
C ASN A 194 15.30 21.14 -62.28
N TRP A 195 16.45 20.62 -61.84
CA TRP A 195 16.50 19.83 -60.61
C TRP A 195 16.01 20.62 -59.40
N SER A 196 16.52 21.84 -59.20
CA SER A 196 16.19 22.53 -57.96
C SER A 196 14.71 22.94 -57.93
N THR A 197 14.12 23.24 -59.09
CA THR A 197 12.67 23.49 -59.13
C THR A 197 11.90 22.27 -58.62
N MET A 198 12.32 21.07 -58.99
CA MET A 198 11.60 19.88 -58.53
C MET A 198 11.84 19.62 -57.03
N VAL A 199 13.07 19.77 -56.54
CA VAL A 199 13.34 19.57 -55.11
C VAL A 199 12.51 20.54 -54.27
N GLU A 200 12.44 21.80 -54.68
CA GLU A 200 11.63 22.78 -53.95
C GLU A 200 10.18 22.32 -53.82
N GLY A 201 9.63 21.77 -54.90
CA GLY A 201 8.26 21.31 -54.86
C GLY A 201 8.07 20.09 -53.99
N VAL A 202 9.03 19.14 -54.05
CA VAL A 202 8.98 17.94 -53.20
C VAL A 202 9.08 18.33 -51.73
N GLN A 203 10.05 19.19 -51.41
CA GLN A 203 10.30 19.53 -50.01
C GLN A 203 9.14 20.32 -49.42
N SER A 204 8.53 21.18 -50.25
CA SER A 204 7.30 21.88 -49.83
C SER A 204 6.22 20.90 -49.37
N HIS A 205 5.99 19.81 -50.12
CA HIS A 205 5.01 18.82 -49.70
C HIS A 205 5.45 18.09 -48.43
N ILE A 206 6.75 17.72 -48.32
CA ILE A 206 7.24 17.06 -47.11
C ILE A 206 7.04 17.95 -45.90
N GLY A 207 7.27 19.26 -46.06
CA GLY A 207 7.08 20.19 -44.95
C GLY A 207 5.63 20.24 -44.51
N SER A 208 4.70 20.22 -45.47
CA SER A 208 3.29 20.17 -45.07
C SER A 208 2.96 18.85 -44.36
N LEU A 209 3.72 17.78 -44.61
CA LEU A 209 3.53 16.56 -43.84
C LEU A 209 4.13 16.68 -42.43
N ASN A 210 5.34 17.24 -42.31
CA ASN A 210 5.91 17.51 -40.99
C ASN A 210 4.92 18.28 -40.11
N TRP A 211 4.41 19.39 -40.65
CA TRP A 211 3.49 20.25 -39.90
C TRP A 211 2.21 19.51 -39.54
N GLY A 212 1.67 18.74 -40.50
CA GLY A 212 0.45 18.00 -40.24
C GLY A 212 0.59 17.02 -39.08
N TYR A 213 1.76 16.37 -38.97
CA TYR A 213 1.95 15.41 -37.89
C TYR A 213 2.00 16.08 -36.52
N LYS A 214 2.68 17.25 -36.41
CA LYS A 214 2.70 17.96 -35.14
C LYS A 214 1.29 18.39 -34.75
N VAL A 215 0.50 18.80 -35.73
CA VAL A 215 -0.88 19.19 -35.45
C VAL A 215 -1.69 18.01 -34.93
N ALA A 216 -1.51 16.83 -35.54
CA ALA A 216 -2.30 15.67 -35.12
C ALA A 216 -1.93 15.21 -33.71
N LEU A 217 -0.67 15.33 -33.30
CA LEU A 217 -0.31 14.93 -31.96
C LEU A 217 -0.87 15.92 -30.93
N ARG A 218 -0.84 17.22 -31.21
CA ARG A 218 -1.52 18.19 -30.37
C ARG A 218 -3.01 17.90 -30.28
N ASP A 219 -3.66 17.66 -31.42
CA ASP A 219 -5.10 17.44 -31.41
C ASP A 219 -5.51 16.15 -30.72
N ASN A 220 -4.58 15.22 -30.49
CA ASN A 220 -4.86 13.98 -29.80
C ASN A 220 -4.38 13.98 -28.34
N GLN A 221 -3.79 15.08 -27.89
CA GLN A 221 -3.27 15.23 -26.52
C GLN A 221 -2.01 14.37 -26.30
N VAL A 222 -1.27 14.10 -27.36
CA VAL A 222 0.00 13.38 -27.27
C VAL A 222 1.12 14.38 -27.02
N THR A 223 1.94 14.12 -26.01
CA THR A 223 3.12 14.96 -25.79
C THR A 223 4.19 14.65 -26.82
N TYR A 224 4.60 15.64 -27.60
CA TYR A 224 5.69 15.47 -28.55
C TYR A 224 6.96 16.10 -27.98
N LEU A 225 8.00 15.29 -27.80
CA LEU A 225 9.30 15.77 -27.35
C LEU A 225 10.31 15.53 -28.46
N ASN A 226 10.87 16.61 -29.00
CA ASN A 226 11.93 16.51 -30.00
C ASN A 226 13.24 16.30 -29.25
N ALA A 227 13.45 15.05 -28.81
CA ALA A 227 14.65 14.70 -28.05
C ALA A 227 15.02 13.24 -28.30
N LYS A 228 16.30 12.93 -28.10
CA LYS A 228 16.79 11.56 -28.24
C LYS A 228 16.52 10.77 -26.96
N GLY A 229 15.93 9.59 -27.10
CA GLY A 229 15.54 8.78 -25.97
C GLY A 229 16.46 7.59 -25.79
N ARG A 230 16.61 7.12 -24.55
CA ARG A 230 17.44 5.96 -24.23
C ARG A 230 16.81 5.21 -23.07
N LEU A 231 16.53 3.92 -23.26
CA LEU A 231 15.85 3.10 -22.26
C LEU A 231 16.86 2.58 -21.26
N ILE A 232 16.89 3.15 -20.05
CA ILE A 232 17.92 2.77 -19.08
C ILE A 232 17.46 1.70 -18.11
N SER A 233 16.15 1.48 -17.99
CA SER A 233 15.57 0.42 -17.18
C SER A 233 14.16 0.19 -17.69
N PRO A 234 13.56 -0.97 -17.39
CA PRO A 234 12.27 -1.30 -18.02
C PRO A 234 11.21 -0.20 -18.02
N HIS A 235 11.21 0.73 -17.06
CA HIS A 235 10.21 1.80 -17.05
C HIS A 235 10.81 3.20 -17.13
N GLU A 236 12.11 3.33 -17.31
CA GLU A 236 12.75 4.64 -17.24
C GLU A 236 13.39 4.97 -18.57
N VAL A 237 13.04 6.14 -19.13
CA VAL A 237 13.60 6.61 -20.40
C VAL A 237 14.32 7.93 -20.15
N GLN A 238 15.58 7.98 -20.56
CA GLN A 238 16.43 9.15 -20.42
C GLN A 238 16.40 9.93 -21.73
N ILE A 239 16.17 11.25 -21.63
CA ILE A 239 15.99 12.11 -22.79
C ILE A 239 17.07 13.20 -22.81
N THR A 240 17.56 13.52 -24.00
CA THR A 240 18.48 14.64 -24.20
C THR A 240 17.91 15.54 -25.29
N ASP A 241 17.82 16.85 -25.00
CA ASP A 241 17.13 17.80 -25.87
C ASP A 241 18.12 18.61 -26.72
N LYS A 242 17.59 19.62 -27.41
CA LYS A 242 18.37 20.43 -28.36
C LYS A 242 19.48 21.22 -27.69
N ASN A 243 19.38 21.48 -26.39
CA ASN A 243 20.44 22.15 -25.64
C ASN A 243 21.31 21.17 -24.86
N GLN A 244 21.20 19.87 -25.16
CA GLN A 244 21.94 18.81 -24.47
C GLN A 244 21.57 18.74 -22.99
N LYS A 245 20.34 19.08 -22.65
CA LYS A 245 19.86 19.00 -21.27
C LYS A 245 19.24 17.62 -21.03
N VAL A 246 19.64 16.96 -19.95
CA VAL A 246 19.31 15.55 -19.72
C VAL A 246 18.33 15.43 -18.56
N SER A 247 17.33 14.57 -18.73
CA SER A 247 16.30 14.30 -17.73
C SER A 247 15.74 12.90 -17.94
N THR A 248 14.87 12.47 -17.02
CA THR A 248 14.33 11.10 -17.01
C THR A 248 12.81 11.16 -16.88
N ILE A 249 12.12 10.38 -17.72
CA ILE A 249 10.67 10.22 -17.63
C ILE A 249 10.38 8.74 -17.53
N THR A 250 9.24 8.42 -16.94
CA THR A 250 8.84 7.04 -16.71
C THR A 250 7.56 6.76 -17.46
N GLY A 251 7.38 5.52 -17.87
CA GLY A 251 6.13 5.10 -18.47
C GLY A 251 5.85 3.66 -18.17
N ASN A 252 4.58 3.28 -18.21
CA ASN A 252 4.17 1.90 -17.97
C ASN A 252 4.62 0.98 -19.12
N LYS A 253 4.08 1.21 -20.32
CA LYS A 253 4.46 0.42 -21.49
C LYS A 253 5.42 1.22 -22.36
N ILE A 254 6.41 0.54 -22.91
CA ILE A 254 7.38 1.13 -23.82
C ILE A 254 7.25 0.46 -25.17
N ILE A 255 7.20 1.26 -26.24
CA ILE A 255 7.24 0.77 -27.63
C ILE A 255 8.49 1.33 -28.30
N LEU A 256 9.39 0.45 -28.69
CA LEU A 256 10.57 0.84 -29.45
C LEU A 256 10.23 0.86 -30.94
N ALA A 257 10.59 1.96 -31.61
CA ALA A 257 10.30 2.11 -33.03
C ALA A 257 11.24 3.12 -33.68
N THR A 258 12.54 2.85 -33.64
CA THR A 258 13.53 3.85 -34.01
C THR A 258 14.09 3.68 -35.42
N GLY A 259 13.72 2.63 -36.14
CA GLY A 259 14.13 2.54 -37.55
C GLY A 259 15.60 2.23 -37.79
N GLU A 260 16.02 2.46 -39.02
CA GLU A 260 17.39 2.20 -39.45
C GLU A 260 17.92 3.45 -40.16
N ARG A 261 19.21 3.44 -40.44
CA ARG A 261 19.85 4.48 -41.24
C ARG A 261 20.76 3.79 -42.25
N PRO A 262 21.14 4.49 -43.32
CA PRO A 262 21.97 3.85 -44.36
C PRO A 262 23.38 3.50 -43.88
N LYS A 263 23.89 2.35 -44.37
CA LYS A 263 25.28 1.94 -44.16
C LYS A 263 26.23 2.57 -45.18
N TYR A 264 27.53 2.75 -44.77
CA TYR A 264 28.66 3.05 -45.65
C TYR A 264 29.62 1.88 -45.71
N PRO A 265 30.25 1.64 -46.86
CA PRO A 265 31.34 0.67 -46.91
C PRO A 265 32.59 1.21 -46.25
N GLU A 266 33.40 0.31 -45.67
CA GLU A 266 34.62 0.70 -44.98
C GLU A 266 35.76 0.84 -46.00
N ILE A 267 35.70 1.92 -46.76
CA ILE A 267 36.75 2.25 -47.71
C ILE A 267 37.09 3.72 -47.56
N PRO A 268 38.30 4.12 -47.94
CA PRO A 268 38.71 5.51 -47.73
C PRO A 268 37.97 6.46 -48.65
N GLY A 269 37.58 7.60 -48.09
CA GLY A 269 36.87 8.62 -48.84
C GLY A 269 35.37 8.45 -48.87
N ALA A 270 34.84 7.30 -48.46
CA ALA A 270 33.41 7.03 -48.60
C ALA A 270 32.58 7.99 -47.75
N VAL A 271 32.88 8.08 -46.45
CA VAL A 271 32.13 8.98 -45.57
C VAL A 271 32.45 10.44 -45.89
N GLU A 272 33.68 10.74 -46.27
CA GLU A 272 34.05 12.14 -46.48
C GLU A 272 33.45 12.70 -47.75
N TYR A 273 33.36 11.90 -48.81
CA TYR A 273 33.07 12.44 -50.13
C TYR A 273 31.85 11.84 -50.83
N GLY A 274 31.29 10.72 -50.34
CA GLY A 274 30.04 10.22 -50.88
C GLY A 274 28.84 10.78 -50.15
N ILE A 275 27.64 10.48 -50.67
CA ILE A 275 26.39 10.75 -49.98
C ILE A 275 25.55 9.48 -49.97
N THR A 276 24.41 9.55 -49.27
CA THR A 276 23.41 8.48 -49.34
C THR A 276 22.07 9.05 -49.76
N SER A 277 21.06 8.16 -49.79
CA SER A 277 19.71 8.59 -50.06
C SER A 277 19.21 9.57 -49.00
N ASP A 278 19.66 9.43 -47.74
CA ASP A 278 19.34 10.43 -46.73
C ASP A 278 19.60 11.85 -47.22
N ASP A 279 20.66 12.06 -48.03
CA ASP A 279 21.04 13.39 -48.52
C ASP A 279 20.42 13.75 -49.86
N LEU A 280 20.00 12.75 -50.64
CA LEU A 280 19.69 12.96 -52.05
C LEU A 280 18.43 13.80 -52.22
N PHE A 281 17.44 13.53 -51.40
CA PHE A 281 16.11 14.09 -51.67
C PHE A 281 15.99 15.56 -51.30
N SER A 282 17.06 16.22 -50.80
CA SER A 282 17.03 17.66 -50.54
C SER A 282 18.31 18.34 -51.02
N LEU A 283 19.06 17.68 -51.89
CA LEU A 283 20.35 18.18 -52.35
C LEU A 283 20.17 19.48 -53.12
N PRO A 284 20.91 20.54 -52.80
CA PRO A 284 20.69 21.83 -53.47
C PRO A 284 21.12 21.86 -54.93
N TYR A 285 21.99 20.95 -55.38
CA TYR A 285 22.48 20.95 -56.75
C TYR A 285 22.13 19.63 -57.42
N PHE A 286 22.01 19.66 -58.75
CA PHE A 286 21.85 18.41 -59.49
C PHE A 286 23.11 17.56 -59.32
N PRO A 287 22.98 16.26 -59.07
CA PRO A 287 24.19 15.43 -58.87
C PRO A 287 25.11 15.40 -60.07
N GLY A 288 24.60 15.64 -61.28
CA GLY A 288 25.45 15.53 -62.46
C GLY A 288 25.80 14.09 -62.76
N LYS A 289 26.99 13.88 -63.34
CA LYS A 289 27.43 12.53 -63.63
C LYS A 289 27.59 11.72 -62.34
N THR A 290 26.75 10.70 -62.14
CA THR A 290 26.59 10.03 -60.87
C THR A 290 26.98 8.57 -60.96
N LEU A 291 27.60 8.08 -59.89
CA LEU A 291 27.84 6.67 -59.67
C LEU A 291 26.99 6.22 -58.49
N VAL A 292 26.12 5.23 -58.71
CA VAL A 292 25.38 4.58 -57.64
C VAL A 292 26.03 3.25 -57.36
N ILE A 293 26.42 3.03 -56.10
CA ILE A 293 27.07 1.79 -55.70
C ILE A 293 26.08 0.99 -54.90
N GLY A 294 25.70 -0.18 -55.44
CA GLY A 294 24.72 -1.02 -54.77
C GLY A 294 23.72 -1.56 -55.77
N ALA A 295 22.82 -2.45 -55.34
CA ALA A 295 21.86 -2.97 -56.30
C ALA A 295 20.52 -3.34 -55.67
N SER A 296 20.19 -2.75 -54.52
CA SER A 296 18.88 -2.89 -53.91
C SER A 296 17.85 -2.09 -54.68
N TYR A 297 16.59 -2.15 -54.24
CA TYR A 297 15.58 -1.28 -54.85
C TYR A 297 15.93 0.19 -54.64
N VAL A 298 16.48 0.56 -53.48
CA VAL A 298 16.88 1.96 -53.28
C VAL A 298 17.83 2.39 -54.40
N ALA A 299 18.87 1.59 -54.65
CA ALA A 299 19.87 1.91 -55.68
C ALA A 299 19.26 1.97 -57.07
N LEU A 300 18.48 0.96 -57.44
CA LEU A 300 17.90 0.91 -58.78
C LEU A 300 16.84 1.98 -58.97
N GLU A 301 15.99 2.22 -57.96
CA GLU A 301 14.99 3.28 -58.11
C GLU A 301 15.63 4.64 -58.31
N CYS A 302 16.68 4.93 -57.53
CA CYS A 302 17.36 6.23 -57.61
C CYS A 302 18.12 6.40 -58.92
N ALA A 303 18.96 5.42 -59.29
CA ALA A 303 19.58 5.45 -60.60
C ALA A 303 18.55 5.67 -61.68
N GLY A 304 17.43 4.97 -61.57
CA GLY A 304 16.40 5.03 -62.59
C GLY A 304 15.86 6.44 -62.81
N PHE A 305 15.47 7.12 -61.73
CA PHE A 305 14.89 8.43 -62.03
C PHE A 305 15.97 9.47 -62.35
N LEU A 306 17.19 9.34 -61.81
CA LEU A 306 18.24 10.28 -62.22
C LEU A 306 18.50 10.21 -63.72
N ALA A 307 18.37 9.01 -64.30
CA ALA A 307 18.62 8.88 -65.74
C ALA A 307 17.50 9.51 -66.55
N SER A 308 16.25 9.35 -66.12
CA SER A 308 15.15 9.95 -66.87
C SER A 308 15.18 11.47 -66.78
N LEU A 309 15.72 12.02 -65.68
CA LEU A 309 15.84 13.47 -65.54
C LEU A 309 17.04 14.07 -66.30
N GLY A 310 17.72 13.28 -67.15
CA GLY A 310 18.82 13.79 -67.95
C GLY A 310 20.21 13.50 -67.44
N GLY A 311 20.36 12.72 -66.38
CA GLY A 311 21.68 12.47 -65.84
C GLY A 311 22.43 11.36 -66.57
N ASP A 312 23.75 11.37 -66.36
CA ASP A 312 24.68 10.36 -66.84
C ASP A 312 24.97 9.46 -65.65
N VAL A 313 24.44 8.23 -65.68
CA VAL A 313 24.28 7.41 -64.48
C VAL A 313 24.91 6.04 -64.69
N THR A 314 25.65 5.56 -63.69
CA THR A 314 26.23 4.22 -63.68
C THR A 314 25.95 3.54 -62.34
N VAL A 315 25.63 2.24 -62.39
CA VAL A 315 25.38 1.42 -61.21
C VAL A 315 26.48 0.37 -61.08
N MET A 316 27.08 0.25 -59.88
CA MET A 316 28.15 -0.73 -59.63
C MET A 316 27.56 -1.88 -58.84
N VAL A 317 27.53 -3.07 -59.46
CA VAL A 317 26.83 -4.26 -58.94
C VAL A 317 27.87 -5.27 -58.44
N ARG A 318 27.87 -5.55 -57.13
CA ARG A 318 28.81 -6.53 -56.59
C ARG A 318 28.54 -7.94 -57.15
N SER A 319 27.27 -8.38 -57.16
CA SER A 319 26.90 -9.74 -57.60
C SER A 319 25.58 -9.79 -58.38
N ILE A 320 24.45 -9.57 -57.71
CA ILE A 320 23.16 -9.66 -58.39
C ILE A 320 22.28 -8.44 -58.09
N LEU A 321 21.29 -8.25 -58.95
CA LEU A 321 20.26 -7.24 -58.74
C LEU A 321 19.18 -7.78 -57.82
N LEU A 322 18.69 -6.91 -56.93
CA LEU A 322 17.49 -7.18 -56.13
C LEU A 322 17.59 -8.53 -55.41
N ARG A 323 18.70 -8.72 -54.69
CA ARG A 323 18.85 -9.94 -53.89
C ARG A 323 17.66 -10.11 -52.97
N GLY A 324 17.06 -11.29 -53.00
CA GLY A 324 15.87 -11.58 -52.22
C GLY A 324 14.58 -11.62 -53.03
N PHE A 325 14.54 -10.95 -54.18
CA PHE A 325 13.37 -11.03 -55.07
C PHE A 325 13.56 -12.15 -56.11
N ASP A 326 12.45 -12.56 -56.72
CA ASP A 326 12.48 -13.45 -57.89
C ASP A 326 13.51 -12.98 -58.93
N GLN A 327 14.52 -13.82 -59.22
CA GLN A 327 15.65 -13.35 -60.02
C GLN A 327 15.35 -13.22 -61.52
N GLN A 328 14.41 -14.00 -62.05
CA GLN A 328 14.00 -13.75 -63.44
C GLN A 328 13.39 -12.35 -63.58
N MET A 329 12.54 -11.96 -62.63
CA MET A 329 11.97 -10.60 -62.67
C MET A 329 13.07 -9.56 -62.52
N ALA A 330 14.04 -9.82 -61.64
CA ALA A 330 15.10 -8.86 -61.37
C ALA A 330 15.89 -8.51 -62.62
N GLU A 331 16.22 -9.54 -63.43
CA GLU A 331 17.00 -9.31 -64.63
C GLU A 331 16.22 -8.52 -65.67
N LYS A 332 14.93 -8.83 -65.85
CA LYS A 332 14.11 -8.02 -66.76
C LYS A 332 14.05 -6.57 -66.28
N VAL A 333 13.88 -6.36 -64.97
CA VAL A 333 13.96 -5.00 -64.43
C VAL A 333 15.28 -4.35 -64.85
N GLY A 334 16.39 -5.09 -64.72
CA GLY A 334 17.69 -4.53 -65.06
C GLY A 334 17.89 -4.32 -66.56
N ASP A 335 17.47 -5.30 -67.36
CA ASP A 335 17.57 -5.20 -68.82
C ASP A 335 16.89 -3.95 -69.33
N TYR A 336 15.66 -3.68 -68.85
CA TYR A 336 14.94 -2.51 -69.30
C TYR A 336 15.73 -1.23 -68.99
N MET A 337 16.20 -1.08 -67.74
CA MET A 337 17.02 0.08 -67.43
C MET A 337 18.24 0.18 -68.34
N GLU A 338 18.88 -0.96 -68.65
CA GLU A 338 20.12 -0.89 -69.41
C GLU A 338 19.85 -0.48 -70.86
N ASN A 339 18.68 -0.83 -71.39
CA ASN A 339 18.25 -0.41 -72.73
C ASN A 339 17.67 0.98 -72.76
N HIS A 340 17.58 1.66 -71.63
CA HIS A 340 16.97 2.99 -71.59
C HIS A 340 17.84 3.96 -70.80
N GLY A 341 19.16 3.88 -71.02
CA GLY A 341 20.08 4.92 -70.60
C GLY A 341 20.71 4.82 -69.23
N VAL A 342 20.70 3.65 -68.57
CA VAL A 342 21.44 3.44 -67.32
C VAL A 342 22.59 2.48 -67.61
N LYS A 343 23.83 2.91 -67.36
CA LYS A 343 25.00 2.05 -67.57
C LYS A 343 25.27 1.23 -66.33
N PHE A 344 25.85 0.05 -66.53
CA PHE A 344 26.09 -0.88 -65.44
C PHE A 344 27.54 -1.32 -65.45
N ALA A 345 28.20 -1.23 -64.30
CA ALA A 345 29.51 -1.87 -64.10
C ALA A 345 29.27 -3.14 -63.30
N LYS A 346 29.30 -4.28 -63.98
CA LYS A 346 28.87 -5.57 -63.42
C LYS A 346 30.01 -6.35 -62.75
N LEU A 347 29.68 -7.01 -61.64
CA LEU A 347 30.63 -7.81 -60.85
C LEU A 347 31.82 -6.95 -60.41
N CYS A 348 31.51 -5.86 -59.69
CA CYS A 348 32.49 -4.82 -59.41
C CYS A 348 32.24 -4.24 -58.03
N VAL A 349 33.32 -3.80 -57.39
CA VAL A 349 33.26 -3.22 -56.04
C VAL A 349 34.24 -2.07 -55.93
N PRO A 350 33.92 -1.09 -55.09
CA PRO A 350 34.80 0.08 -54.91
C PRO A 350 35.93 -0.17 -53.91
N ASP A 351 37.07 0.51 -54.15
CA ASP A 351 38.20 0.46 -53.22
C ASP A 351 38.52 1.79 -52.55
N GLU A 352 38.31 2.93 -53.22
CA GLU A 352 38.50 4.20 -52.55
C GLU A 352 37.94 5.33 -53.42
N ILE A 353 37.52 6.41 -52.75
CA ILE A 353 37.09 7.64 -53.39
C ILE A 353 38.12 8.73 -53.07
N LYS A 354 38.65 9.38 -54.11
CA LYS A 354 39.54 10.52 -53.93
C LYS A 354 38.89 11.79 -54.45
N GLN A 355 39.09 12.89 -53.71
CA GLN A 355 38.47 14.17 -54.04
C GLN A 355 39.37 14.99 -54.96
N LEU A 356 38.80 15.43 -56.09
CA LEU A 356 39.46 16.28 -57.07
C LEU A 356 38.97 17.71 -57.03
N LYS A 357 37.72 17.92 -56.63
CA LYS A 357 37.09 19.23 -56.53
C LYS A 357 36.17 19.23 -55.33
N VAL A 358 36.35 20.21 -54.45
CA VAL A 358 35.41 20.45 -53.37
C VAL A 358 34.08 20.91 -53.95
N VAL A 359 33.00 20.68 -53.19
CA VAL A 359 31.68 21.09 -53.62
C VAL A 359 31.60 22.62 -53.64
N ASP A 360 31.21 23.16 -54.80
CA ASP A 360 31.03 24.60 -55.01
C ASP A 360 29.72 25.05 -54.35
N THR A 361 29.79 25.24 -53.03
CA THR A 361 28.59 25.62 -52.28
C THR A 361 28.03 26.97 -52.73
N GLU A 362 28.90 27.87 -53.22
CA GLU A 362 28.45 29.21 -53.60
C GLU A 362 27.72 29.19 -54.93
N ASN A 363 28.37 28.72 -55.99
CA ASN A 363 27.75 28.65 -57.31
C ASN A 363 26.81 27.48 -57.48
N ASN A 364 26.62 26.66 -56.44
CA ASN A 364 25.61 25.60 -56.43
C ASN A 364 25.90 24.49 -57.46
N LYS A 365 27.12 23.94 -57.39
CA LYS A 365 27.57 22.86 -58.24
C LYS A 365 28.15 21.73 -57.41
N PRO A 366 28.12 20.51 -57.91
CA PRO A 366 28.80 19.41 -57.21
C PRO A 366 30.31 19.52 -57.35
N GLY A 367 31.03 18.70 -56.59
CA GLY A 367 32.47 18.57 -56.72
C GLY A 367 32.86 17.65 -57.86
N LEU A 368 33.98 16.94 -57.68
CA LEU A 368 34.46 15.97 -58.67
C LEU A 368 35.34 14.95 -57.96
N LEU A 369 35.08 13.66 -58.22
CA LEU A 369 35.73 12.60 -57.47
C LEU A 369 36.36 11.59 -58.42
N LEU A 370 37.37 10.88 -57.91
CA LEU A 370 37.98 9.77 -58.62
C LEU A 370 37.64 8.49 -57.87
N VAL A 371 37.00 7.55 -58.56
CA VAL A 371 36.58 6.28 -57.96
C VAL A 371 37.47 5.17 -58.50
N LYS A 372 38.00 4.34 -57.58
CA LYS A 372 38.84 3.21 -57.93
C LYS A 372 38.26 1.95 -57.30
N GLY A 373 38.17 0.90 -58.11
CA GLY A 373 37.77 -0.41 -57.62
C GLY A 373 38.30 -1.54 -58.49
N HIS A 374 37.71 -2.73 -58.40
CA HIS A 374 38.15 -3.85 -59.23
C HIS A 374 36.97 -4.78 -59.57
N TYR A 375 37.08 -5.49 -60.67
CA TYR A 375 36.11 -6.51 -61.06
C TYR A 375 36.44 -7.84 -60.41
N THR A 376 35.47 -8.78 -60.43
CA THR A 376 35.71 -10.01 -59.68
C THR A 376 36.85 -10.83 -60.28
N ASP A 377 37.21 -10.61 -61.55
CA ASP A 377 38.33 -11.30 -62.18
C ASP A 377 39.66 -10.56 -61.98
N GLY A 378 39.68 -9.54 -61.13
CA GLY A 378 40.89 -8.82 -60.84
C GLY A 378 41.11 -7.57 -61.66
N LYS A 379 40.42 -7.42 -62.80
CA LYS A 379 40.60 -6.24 -63.64
C LYS A 379 40.27 -4.97 -62.86
N LYS A 380 40.76 -3.83 -63.34
CA LYS A 380 40.69 -2.61 -62.55
C LYS A 380 39.58 -1.68 -63.01
N PHE A 381 39.00 -0.96 -62.06
CA PHE A 381 38.01 0.10 -62.32
C PHE A 381 38.57 1.44 -61.88
N GLU A 382 38.60 2.42 -62.81
CA GLU A 382 38.96 3.80 -62.45
C GLU A 382 38.17 4.80 -63.29
N GLU A 383 37.39 5.67 -62.64
CA GLU A 383 36.55 6.64 -63.34
C GLU A 383 36.25 7.84 -62.47
N GLU A 384 35.96 8.96 -63.14
CA GLU A 384 35.58 10.23 -62.51
C GLU A 384 34.07 10.41 -62.50
N PHE A 385 33.51 10.83 -61.35
CA PHE A 385 32.10 11.20 -61.21
C PHE A 385 31.98 12.48 -60.39
N GLU A 386 30.89 13.22 -60.62
CA GLU A 386 30.61 14.39 -59.79
C GLU A 386 30.00 14.02 -58.44
N THR A 387 29.18 12.95 -58.38
CA THR A 387 28.53 12.49 -57.16
C THR A 387 28.64 10.97 -57.01
N VAL A 388 28.78 10.49 -55.79
CA VAL A 388 28.84 9.06 -55.53
C VAL A 388 27.80 8.74 -54.45
N ILE A 389 26.81 7.93 -54.81
CA ILE A 389 25.75 7.57 -53.89
C ILE A 389 25.94 6.12 -53.45
N PHE A 390 26.00 5.90 -52.15
CA PHE A 390 26.07 4.56 -51.59
C PHE A 390 24.67 4.07 -51.23
N ALA A 391 24.29 2.91 -51.79
CA ALA A 391 23.03 2.27 -51.47
C ALA A 391 23.32 0.81 -51.17
N VAL A 392 24.04 0.57 -50.07
CA VAL A 392 24.58 -0.76 -49.77
C VAL A 392 23.97 -1.32 -48.49
N GLY A 393 22.72 -0.93 -48.21
CA GLY A 393 21.93 -1.53 -47.15
C GLY A 393 21.72 -0.57 -45.99
N ARG A 394 20.94 -1.04 -45.02
CA ARG A 394 20.48 -0.21 -43.91
C ARG A 394 20.56 -1.02 -42.63
N GLU A 395 20.76 -0.35 -41.51
CA GLU A 395 20.95 -1.06 -40.27
C GLU A 395 20.47 -0.22 -39.09
N PRO A 396 19.95 -0.85 -38.04
CA PRO A 396 19.65 -0.12 -36.82
C PRO A 396 20.92 0.09 -36.00
N GLN A 397 20.81 0.92 -34.98
CA GLN A 397 21.92 1.10 -34.06
C GLN A 397 21.33 1.16 -32.64
N LEU A 398 20.83 0.01 -32.17
CA LEU A 398 20.10 -0.03 -30.92
C LEU A 398 20.99 0.16 -29.70
N SER A 399 22.31 0.05 -29.85
CA SER A 399 23.21 0.41 -28.76
C SER A 399 23.00 1.85 -28.28
N LYS A 400 22.53 2.74 -29.17
CA LYS A 400 22.22 4.13 -28.83
C LYS A 400 20.81 4.32 -28.28
N VAL A 401 20.06 3.24 -28.07
CA VAL A 401 18.68 3.35 -27.63
C VAL A 401 18.49 2.53 -26.37
N LEU A 402 19.29 1.48 -26.20
CA LEU A 402 19.03 0.40 -25.26
C LEU A 402 20.25 0.15 -24.38
N CYS A 403 20.17 0.53 -23.11
CA CYS A 403 21.16 0.03 -22.15
C CYS A 403 21.13 -1.49 -22.15
N GLU A 404 22.32 -2.09 -22.13
CA GLU A 404 22.44 -3.52 -22.35
C GLU A 404 21.91 -4.29 -21.15
N THR A 405 22.00 -3.69 -19.97
CA THR A 405 21.50 -4.27 -18.73
C THR A 405 19.98 -4.28 -18.63
N VAL A 406 19.26 -3.63 -19.56
CA VAL A 406 17.80 -3.64 -19.48
C VAL A 406 17.23 -5.04 -19.71
N GLY A 407 17.85 -5.84 -20.57
CA GLY A 407 17.41 -7.20 -20.81
C GLY A 407 16.72 -7.48 -22.14
N VAL A 408 16.71 -6.53 -23.08
CA VAL A 408 16.03 -6.74 -24.34
C VAL A 408 16.95 -7.53 -25.27
N LYS A 409 16.52 -8.74 -25.63
CA LYS A 409 17.34 -9.62 -26.48
C LYS A 409 17.37 -9.12 -27.93
N LEU A 410 18.56 -9.21 -28.55
CA LEU A 410 18.73 -8.87 -29.96
C LEU A 410 19.20 -10.10 -30.73
N ASP A 411 18.97 -10.10 -32.05
CA ASP A 411 19.49 -11.18 -32.88
C ASP A 411 20.87 -10.80 -33.46
N LYS A 412 21.35 -11.61 -34.40
CA LYS A 412 22.72 -11.48 -34.94
C LYS A 412 22.93 -10.14 -35.65
N ASN A 413 21.90 -9.62 -36.31
CA ASN A 413 21.97 -8.37 -37.05
C ASN A 413 21.65 -7.15 -36.20
N GLY A 414 21.41 -7.33 -34.91
CA GLY A 414 21.08 -6.19 -34.09
C GLY A 414 19.63 -5.79 -34.09
N ARG A 415 18.72 -6.69 -34.46
CA ARG A 415 17.30 -6.42 -34.45
C ARG A 415 16.64 -7.11 -33.25
N VAL A 416 15.52 -6.55 -32.81
CA VAL A 416 14.85 -7.01 -31.58
C VAL A 416 14.09 -8.31 -31.82
N VAL A 417 14.30 -9.30 -30.95
CA VAL A 417 13.62 -10.58 -31.05
C VAL A 417 12.29 -10.49 -30.32
N CYS A 418 11.19 -10.73 -31.03
CA CYS A 418 9.83 -10.48 -30.53
C CYS A 418 8.96 -11.71 -30.73
N THR A 419 8.05 -11.93 -29.79
CA THR A 419 6.95 -12.85 -30.02
C THR A 419 6.00 -12.27 -31.07
N ASP A 420 5.01 -13.06 -31.47
CA ASP A 420 4.13 -12.63 -32.56
C ASP A 420 3.12 -11.58 -32.11
N ASP A 421 3.18 -11.14 -30.86
CA ASP A 421 2.41 -9.99 -30.42
C ASP A 421 3.29 -8.79 -30.15
N GLU A 422 4.50 -8.79 -30.72
CA GLU A 422 5.49 -7.70 -30.67
C GLU A 422 6.17 -7.58 -29.31
N GLN A 423 5.93 -8.50 -28.36
CA GLN A 423 6.55 -8.39 -27.04
C GLN A 423 8.01 -8.81 -27.08
N THR A 424 8.89 -8.00 -26.47
CA THR A 424 10.30 -8.34 -26.33
C THR A 424 10.48 -9.25 -25.12
N THR A 425 11.74 -9.54 -24.77
CA THR A 425 12.04 -10.34 -23.60
C THR A 425 11.80 -9.61 -22.28
N VAL A 426 11.43 -8.33 -22.31
CA VAL A 426 11.04 -7.58 -21.11
C VAL A 426 9.54 -7.34 -21.21
N SER A 427 8.79 -7.80 -20.20
CA SER A 427 7.35 -8.04 -20.35
C SER A 427 6.55 -6.79 -20.73
N ASN A 428 7.03 -5.58 -20.43
CA ASN A 428 6.29 -4.36 -20.70
C ASN A 428 6.87 -3.54 -21.86
N VAL A 429 7.87 -4.06 -22.57
CA VAL A 429 8.55 -3.34 -23.64
C VAL A 429 8.28 -4.06 -24.96
N TYR A 430 7.92 -3.30 -26.00
CA TYR A 430 7.56 -3.87 -27.30
C TYR A 430 8.38 -3.22 -28.39
N ALA A 431 8.38 -3.84 -29.59
CA ALA A 431 9.09 -3.28 -30.74
C ALA A 431 8.29 -3.50 -32.02
N ILE A 432 8.39 -2.53 -32.95
CA ILE A 432 7.59 -2.49 -34.19
C ILE A 432 8.40 -1.89 -35.35
N GLY A 433 7.93 -2.18 -36.57
CA GLY A 433 8.58 -1.60 -37.74
C GLY A 433 9.91 -2.26 -38.05
N ASP A 434 10.85 -1.45 -38.57
CA ASP A 434 12.06 -2.04 -39.18
C ASP A 434 12.94 -2.78 -38.18
N ILE A 435 12.92 -2.41 -36.89
CA ILE A 435 13.78 -3.10 -35.93
C ILE A 435 13.18 -4.40 -35.41
N ASN A 436 11.96 -4.74 -35.81
CA ASN A 436 11.36 -6.00 -35.38
C ASN A 436 11.94 -7.14 -36.23
N ALA A 437 12.76 -7.99 -35.62
CA ALA A 437 13.55 -8.97 -36.37
C ALA A 437 12.67 -9.90 -37.23
N GLY A 438 13.09 -10.10 -38.49
CA GLY A 438 12.46 -11.08 -39.35
C GLY A 438 11.22 -10.65 -40.10
N LYS A 439 10.66 -9.44 -39.83
CA LYS A 439 9.44 -8.94 -40.45
C LYS A 439 9.77 -8.09 -41.67
N PRO A 440 8.88 -8.01 -42.67
CA PRO A 440 9.12 -7.14 -43.83
C PRO A 440 9.27 -5.70 -43.42
N GLN A 441 10.23 -5.02 -44.04
CA GLN A 441 10.59 -3.65 -43.69
C GLN A 441 9.87 -2.68 -44.61
N LEU A 442 8.59 -2.43 -44.29
CA LEU A 442 7.71 -1.67 -45.16
C LEU A 442 6.86 -0.77 -44.31
N THR A 443 6.50 0.41 -44.86
CA THR A 443 5.73 1.38 -44.08
C THR A 443 4.31 0.90 -43.74
N PRO A 444 3.56 0.32 -44.67
CA PRO A 444 2.23 -0.16 -44.29
C PRO A 444 2.25 -1.21 -43.20
N VAL A 445 3.31 -2.03 -43.16
CA VAL A 445 3.45 -3.05 -42.12
C VAL A 445 3.63 -2.42 -40.75
N ALA A 446 4.58 -1.47 -40.65
CA ALA A 446 4.82 -0.76 -39.39
C ALA A 446 3.54 -0.11 -38.85
N ILE A 447 2.78 0.56 -39.72
CA ILE A 447 1.56 1.24 -39.29
C ILE A 447 0.53 0.24 -38.76
N GLN A 448 0.27 -0.83 -39.53
CA GLN A 448 -0.67 -1.83 -39.05
C GLN A 448 -0.19 -2.44 -37.73
N ALA A 449 1.11 -2.77 -37.64
CA ALA A 449 1.60 -3.39 -36.42
C ALA A 449 1.38 -2.48 -35.22
N GLY A 450 1.61 -1.18 -35.40
CA GLY A 450 1.51 -0.24 -34.30
C GLY A 450 0.07 0.05 -33.89
N ARG A 451 -0.83 0.15 -34.87
CA ARG A 451 -2.23 0.41 -34.53
C ARG A 451 -2.83 -0.77 -33.77
N TYR A 452 -2.59 -1.99 -34.24
CA TYR A 452 -3.17 -3.18 -33.63
C TYR A 452 -2.61 -3.40 -32.23
N LEU A 453 -1.34 -3.10 -32.02
CA LEU A 453 -0.75 -3.24 -30.69
C LEU A 453 -1.37 -2.23 -29.71
N ALA A 454 -1.52 -0.97 -30.11
CA ALA A 454 -2.22 0.00 -29.26
C ALA A 454 -3.58 -0.51 -28.84
N ARG A 455 -4.30 -1.12 -29.78
CA ARG A 455 -5.62 -1.66 -29.43
C ARG A 455 -5.52 -2.79 -28.40
N ARG A 456 -4.52 -3.66 -28.55
CA ARG A 456 -4.35 -4.76 -27.60
C ARG A 456 -3.97 -4.26 -26.20
N LEU A 457 -3.09 -3.26 -26.12
CA LEU A 457 -2.61 -2.73 -24.83
C LEU A 457 -3.70 -1.97 -24.07
N PHE A 458 -4.51 -1.17 -24.78
CA PHE A 458 -5.36 -0.21 -24.09
C PHE A 458 -6.86 -0.32 -24.38
N ALA A 459 -7.30 -1.30 -25.18
CA ALA A 459 -8.73 -1.49 -25.43
C ALA A 459 -9.17 -2.96 -25.44
N GLY A 460 -8.38 -3.86 -24.88
CA GLY A 460 -8.83 -5.23 -24.81
C GLY A 460 -8.87 -5.97 -26.12
N ALA A 461 -8.36 -5.39 -27.20
CA ALA A 461 -8.39 -6.10 -28.49
C ALA A 461 -7.49 -7.31 -28.45
N THR A 462 -7.74 -8.26 -29.36
CA THR A 462 -6.93 -9.47 -29.48
C THR A 462 -6.29 -9.68 -30.85
N GLU A 463 -6.74 -8.95 -31.87
CA GLU A 463 -6.27 -9.20 -33.23
C GLU A 463 -4.76 -8.97 -33.36
N LEU A 464 -4.09 -9.90 -34.02
CA LEU A 464 -2.66 -9.79 -34.31
C LEU A 464 -2.43 -9.27 -35.71
N THR A 465 -1.23 -8.73 -35.93
CA THR A 465 -0.78 -8.39 -37.27
C THR A 465 -0.35 -9.64 -38.04
N ASP A 466 -0.82 -9.76 -39.31
CA ASP A 466 -0.48 -10.88 -40.18
C ASP A 466 0.59 -10.42 -41.16
N TYR A 467 1.82 -10.90 -40.97
CA TYR A 467 2.97 -10.49 -41.77
C TYR A 467 3.24 -11.40 -42.98
N SER A 468 2.39 -12.39 -43.26
CA SER A 468 2.64 -13.27 -44.40
C SER A 468 2.06 -12.71 -45.70
N ASN A 469 2.73 -13.01 -46.81
CA ASN A 469 2.26 -12.68 -48.17
C ASN A 469 1.98 -11.18 -48.38
N VAL A 470 2.82 -10.31 -47.79
CA VAL A 470 2.70 -8.86 -47.95
C VAL A 470 3.25 -8.44 -49.30
N ALA A 471 2.46 -7.69 -50.07
CA ALA A 471 2.85 -7.35 -51.44
C ALA A 471 3.83 -6.18 -51.49
N THR A 472 4.61 -6.11 -52.58
CA THR A 472 5.66 -5.09 -52.78
C THR A 472 5.53 -4.47 -54.18
N THR A 473 6.13 -3.27 -54.35
CA THR A 473 6.33 -2.70 -55.67
C THR A 473 7.66 -1.97 -55.71
N VAL A 474 8.49 -2.29 -56.71
CA VAL A 474 9.78 -1.66 -56.94
C VAL A 474 9.55 -0.62 -58.03
N PHE A 475 9.76 0.66 -57.70
CA PHE A 475 9.36 1.75 -58.58
C PHE A 475 10.47 2.15 -59.53
N THR A 476 11.00 1.15 -60.26
CA THR A 476 12.00 1.36 -61.28
C THR A 476 11.35 1.98 -62.53
N PRO A 477 12.15 2.45 -63.51
CA PRO A 477 11.53 3.08 -64.70
C PRO A 477 10.36 2.27 -65.25
N LEU A 478 10.53 0.96 -65.41
CA LEU A 478 9.42 0.01 -65.56
C LEU A 478 9.23 -0.71 -64.23
N GLU A 479 8.03 -0.63 -63.66
CA GLU A 479 7.77 -1.02 -62.28
C GLU A 479 7.52 -2.51 -62.14
N TYR A 480 7.75 -3.01 -60.93
CA TYR A 480 7.70 -4.45 -60.65
C TYR A 480 6.94 -4.65 -59.35
N GLY A 481 5.77 -5.30 -59.43
CA GLY A 481 4.95 -5.58 -58.28
C GLY A 481 4.89 -7.08 -58.07
N ALA A 482 4.83 -7.49 -56.79
CA ALA A 482 4.93 -8.90 -56.40
C ALA A 482 4.06 -9.18 -55.19
N CYS A 483 3.59 -10.43 -55.07
CA CYS A 483 2.91 -10.88 -53.86
C CYS A 483 3.11 -12.38 -53.66
N GLY A 484 3.81 -12.77 -52.59
CA GLY A 484 4.05 -14.17 -52.33
C GLY A 484 5.45 -14.65 -52.69
N LEU A 485 5.54 -15.95 -52.95
CA LEU A 485 6.84 -16.56 -53.19
C LEU A 485 7.42 -16.23 -54.56
N SER A 486 8.73 -16.08 -54.62
CA SER A 486 9.42 -16.15 -55.89
C SER A 486 9.35 -17.56 -56.46
N GLU A 487 9.61 -17.68 -57.76
CA GLU A 487 9.56 -19.00 -58.40
C GLU A 487 10.61 -19.96 -57.84
N GLU A 488 11.85 -19.49 -57.68
CA GLU A 488 12.89 -20.36 -57.14
C GLU A 488 12.61 -20.75 -55.69
N ASP A 489 12.03 -19.85 -54.89
CA ASP A 489 11.66 -20.22 -53.51
C ASP A 489 10.58 -21.30 -53.50
N ALA A 490 9.59 -21.21 -54.40
CA ALA A 490 8.52 -22.20 -54.41
C ALA A 490 9.05 -23.57 -54.81
N ILE A 491 9.98 -23.60 -55.76
CA ILE A 491 10.55 -24.87 -56.18
C ILE A 491 11.39 -25.48 -55.06
N GLU A 492 12.18 -24.64 -54.38
CA GLU A 492 12.97 -25.09 -53.23
C GLU A 492 12.11 -25.76 -52.17
N LYS A 493 10.90 -25.25 -51.94
CA LYS A 493 10.04 -25.68 -50.85
C LYS A 493 9.19 -26.89 -51.19
N TYR A 494 8.84 -27.10 -52.46
CA TYR A 494 7.94 -28.18 -52.84
C TYR A 494 8.45 -29.07 -53.96
N GLY A 495 9.57 -28.72 -54.60
CA GLY A 495 10.07 -29.51 -55.71
C GLY A 495 9.52 -29.08 -57.05
N ASP A 496 10.37 -29.14 -58.08
CA ASP A 496 9.97 -28.70 -59.42
C ASP A 496 8.73 -29.44 -59.93
N LYS A 497 8.50 -30.66 -59.48
CA LYS A 497 7.41 -31.44 -60.06
C LYS A 497 6.04 -31.00 -59.54
N ASP A 498 5.98 -30.33 -58.39
CA ASP A 498 4.73 -29.87 -57.79
C ASP A 498 4.40 -28.42 -58.15
N ILE A 499 5.23 -27.77 -58.96
CA ILE A 499 5.07 -26.35 -59.27
C ILE A 499 4.74 -26.19 -60.75
N GLU A 500 3.66 -25.46 -61.03
CA GLU A 500 3.29 -25.06 -62.38
C GLU A 500 3.31 -23.54 -62.46
N VAL A 501 3.80 -23.02 -63.59
CA VAL A 501 3.97 -21.58 -63.77
C VAL A 501 3.28 -21.19 -65.06
N TYR A 502 2.24 -20.37 -64.95
CA TYR A 502 1.59 -19.76 -66.09
C TYR A 502 2.14 -18.35 -66.28
N HIS A 503 2.44 -17.99 -67.53
CA HIS A 503 3.05 -16.69 -67.80
C HIS A 503 2.70 -16.21 -69.21
N SER A 504 2.96 -14.93 -69.47
CA SER A 504 2.67 -14.29 -70.74
C SER A 504 3.34 -12.92 -70.79
N ASN A 505 3.71 -12.47 -72.00
CA ASN A 505 4.06 -11.07 -72.20
C ASN A 505 2.77 -10.27 -72.41
N PHE A 506 2.90 -8.93 -72.45
CA PHE A 506 1.79 -8.07 -72.90
C PHE A 506 2.31 -6.70 -73.34
N LYS A 507 1.41 -5.95 -73.98
CA LYS A 507 1.70 -4.60 -74.44
C LYS A 507 0.59 -3.67 -73.98
N PRO A 508 0.88 -2.70 -73.13
CA PRO A 508 -0.16 -1.72 -72.76
C PRO A 508 -0.70 -1.02 -74.00
N LEU A 509 -2.03 -0.87 -74.06
CA LEU A 509 -2.63 -0.22 -75.22
C LEU A 509 -2.03 1.18 -75.45
N GLU A 510 -1.70 1.89 -74.36
CA GLU A 510 -1.09 3.21 -74.45
C GLU A 510 0.24 3.20 -75.19
N TRP A 511 0.90 2.03 -75.29
CA TRP A 511 2.20 1.92 -75.94
C TRP A 511 2.07 1.67 -77.44
N THR A 512 0.88 1.33 -77.94
CA THR A 512 0.77 1.04 -79.37
C THR A 512 1.01 2.31 -80.20
N VAL A 513 0.16 3.32 -80.05
CA VAL A 513 0.31 4.52 -80.86
C VAL A 513 1.64 5.24 -80.59
N ALA A 514 2.24 5.03 -79.42
CA ALA A 514 3.51 5.67 -79.08
C ALA A 514 4.73 4.87 -79.54
N HIS A 515 4.53 3.71 -80.20
CA HIS A 515 5.61 2.92 -80.80
C HIS A 515 6.63 2.42 -79.77
N ARG A 516 6.14 1.79 -78.70
CA ARG A 516 7.00 1.22 -77.67
C ARG A 516 7.02 -0.31 -77.78
N GLU A 517 7.86 -0.95 -76.95
CA GLU A 517 8.28 -2.32 -77.19
C GLU A 517 7.12 -3.30 -77.08
N ASP A 518 7.15 -4.36 -77.92
CA ASP A 518 6.00 -5.27 -78.03
C ASP A 518 5.98 -6.31 -76.92
N ASN A 519 7.14 -6.80 -76.49
CA ASN A 519 7.20 -7.98 -75.62
C ASN A 519 8.19 -7.75 -74.48
N VAL A 520 8.06 -6.64 -73.78
CA VAL A 520 8.87 -6.34 -72.63
C VAL A 520 8.09 -6.53 -71.33
N CYS A 521 6.86 -6.01 -71.26
CA CYS A 521 6.05 -6.25 -70.08
C CYS A 521 5.74 -7.73 -69.99
N TYR A 522 5.54 -8.21 -68.75
CA TYR A 522 5.55 -9.64 -68.48
C TYR A 522 4.87 -9.91 -67.15
N MET A 523 4.14 -11.03 -67.07
CA MET A 523 3.58 -11.44 -65.79
C MET A 523 3.52 -12.95 -65.73
N LYS A 524 3.45 -13.47 -64.50
CA LYS A 524 3.43 -14.90 -64.28
C LYS A 524 2.73 -15.17 -62.95
N LEU A 525 2.15 -16.37 -62.87
CA LEU A 525 1.57 -16.92 -61.65
C LEU A 525 2.24 -18.25 -61.35
N VAL A 526 2.76 -18.40 -60.14
CA VAL A 526 3.43 -19.60 -59.67
C VAL A 526 2.47 -20.38 -58.80
N CYS A 527 2.14 -21.62 -59.21
CA CYS A 527 1.10 -22.39 -58.57
C CYS A 527 1.60 -23.74 -58.08
N ARG A 528 0.86 -24.29 -57.09
CA ARG A 528 1.14 -25.60 -56.51
C ARG A 528 0.13 -26.62 -57.03
N LYS A 529 0.61 -27.58 -57.83
CA LYS A 529 -0.26 -28.60 -58.42
C LYS A 529 -1.06 -29.33 -57.33
N SER A 530 -0.37 -29.91 -56.34
CA SER A 530 -1.07 -30.78 -55.39
C SER A 530 -2.04 -30.03 -54.48
N ASP A 531 -1.93 -28.71 -54.36
CA ASP A 531 -2.91 -27.97 -53.55
C ASP A 531 -3.91 -27.25 -54.43
N ASN A 532 -4.53 -27.98 -55.36
CA ASN A 532 -5.64 -27.43 -56.13
C ASN A 532 -5.18 -26.28 -57.03
N MET A 533 -3.90 -26.29 -57.43
CA MET A 533 -3.30 -25.24 -58.25
C MET A 533 -3.36 -23.88 -57.53
N ARG A 534 -3.15 -23.92 -56.21
CA ARG A 534 -3.08 -22.71 -55.37
C ARG A 534 -2.02 -21.74 -55.89
N VAL A 535 -2.32 -20.45 -55.80
CA VAL A 535 -1.41 -19.41 -56.27
C VAL A 535 -0.45 -19.09 -55.12
N LEU A 536 0.81 -19.51 -55.29
CA LEU A 536 1.85 -19.31 -54.29
C LEU A 536 2.54 -17.95 -54.44
N GLY A 537 2.61 -17.41 -55.66
CA GLY A 537 3.17 -16.09 -55.89
C GLY A 537 2.71 -15.48 -57.21
N LEU A 538 2.50 -14.17 -57.21
CA LEU A 538 2.13 -13.39 -58.38
C LEU A 538 3.20 -12.34 -58.68
N HIS A 539 3.47 -12.08 -59.96
CA HIS A 539 4.55 -11.21 -60.40
C HIS A 539 4.18 -10.48 -61.68
N VAL A 540 4.46 -9.18 -61.76
CA VAL A 540 4.11 -8.39 -62.95
C VAL A 540 5.11 -7.24 -63.12
N LEU A 541 5.65 -7.11 -64.34
CA LEU A 541 6.50 -6.00 -64.74
C LEU A 541 5.73 -5.14 -65.73
N GLY A 542 5.48 -3.88 -65.37
CA GLY A 542 4.74 -2.98 -66.25
C GLY A 542 4.36 -1.66 -65.61
N PRO A 543 3.62 -0.85 -66.36
CA PRO A 543 3.13 0.43 -65.82
C PRO A 543 2.14 0.23 -64.67
N ASN A 544 2.16 1.17 -63.71
CA ASN A 544 1.20 1.15 -62.61
C ASN A 544 1.17 -0.19 -61.88
N ALA A 545 2.35 -0.79 -61.69
CA ALA A 545 2.42 -2.16 -61.20
C ALA A 545 1.90 -2.28 -59.78
N GLY A 546 2.00 -1.21 -58.99
CA GLY A 546 1.44 -1.23 -57.66
C GLY A 546 -0.09 -1.23 -57.66
N GLU A 547 -0.70 -0.40 -58.52
CA GLU A 547 -2.16 -0.44 -58.63
C GLU A 547 -2.63 -1.79 -59.17
N ILE A 548 -1.86 -2.40 -60.08
CA ILE A 548 -2.22 -3.71 -60.60
C ILE A 548 -2.20 -4.74 -59.47
N THR A 549 -1.12 -4.75 -58.70
CA THR A 549 -0.87 -5.84 -57.78
C THR A 549 -1.78 -5.80 -56.57
N GLN A 550 -2.03 -4.61 -56.02
CA GLN A 550 -2.66 -4.50 -54.69
C GLN A 550 -3.93 -5.35 -54.55
N GLY A 551 -4.88 -5.17 -55.45
CA GLY A 551 -6.13 -5.90 -55.33
C GLY A 551 -5.94 -7.39 -55.20
N TYR A 552 -4.99 -7.95 -55.98
CA TYR A 552 -4.74 -9.39 -55.94
C TYR A 552 -4.21 -9.89 -54.59
N ALA A 553 -3.65 -9.01 -53.76
CA ALA A 553 -3.15 -9.46 -52.47
C ALA A 553 -4.27 -9.92 -51.56
N VAL A 554 -5.47 -9.34 -51.71
CA VAL A 554 -6.63 -9.78 -50.94
C VAL A 554 -7.03 -11.20 -51.35
N ALA A 555 -7.07 -11.47 -52.65
CA ALA A 555 -7.42 -12.83 -53.06
C ALA A 555 -6.35 -13.84 -52.66
N ILE A 556 -5.08 -13.42 -52.62
CA ILE A 556 -4.08 -14.38 -52.19
C ILE A 556 -4.22 -14.66 -50.70
N LYS A 557 -4.51 -13.61 -49.91
CA LYS A 557 -4.77 -13.80 -48.49
C LYS A 557 -5.87 -14.83 -48.27
N MET A 558 -6.87 -14.85 -49.15
CA MET A 558 -8.01 -15.75 -49.04
C MET A 558 -7.76 -17.13 -49.63
N GLY A 559 -6.55 -17.41 -50.11
CA GLY A 559 -6.20 -18.72 -50.62
C GLY A 559 -6.59 -18.99 -52.06
N ALA A 560 -6.47 -17.99 -52.94
CA ALA A 560 -6.94 -18.12 -54.32
C ALA A 560 -6.16 -19.18 -55.09
N THR A 561 -6.83 -19.77 -56.08
CA THR A 561 -6.32 -20.82 -56.95
C THR A 561 -6.33 -20.34 -58.39
N LYS A 562 -5.65 -21.08 -59.28
CA LYS A 562 -5.72 -20.73 -60.70
C LYS A 562 -7.15 -20.67 -61.20
N ALA A 563 -8.04 -21.50 -60.65
CA ALA A 563 -9.41 -21.52 -61.13
C ALA A 563 -10.18 -20.28 -60.72
N ASP A 564 -9.87 -19.73 -59.54
CA ASP A 564 -10.50 -18.47 -59.14
C ASP A 564 -10.14 -17.35 -60.11
N PHE A 565 -8.88 -17.29 -60.55
CA PHE A 565 -8.51 -16.35 -61.60
C PHE A 565 -9.24 -16.66 -62.89
N ASP A 566 -9.34 -17.95 -63.24
CA ASP A 566 -9.93 -18.30 -64.53
C ASP A 566 -11.39 -17.89 -64.60
N ARG A 567 -12.12 -18.03 -63.49
CA ARG A 567 -13.56 -17.79 -63.51
C ARG A 567 -13.92 -16.31 -63.33
N THR A 568 -12.97 -15.45 -62.97
CA THR A 568 -13.21 -14.01 -62.92
C THR A 568 -13.01 -13.39 -64.29
N ILE A 569 -13.88 -12.42 -64.63
CA ILE A 569 -13.88 -11.82 -65.96
C ILE A 569 -13.02 -10.56 -65.98
N GLY A 570 -12.29 -10.35 -67.07
CA GLY A 570 -11.40 -9.20 -67.14
C GLY A 570 -12.12 -7.87 -67.35
N ILE A 571 -11.43 -6.78 -66.98
CA ILE A 571 -11.81 -5.42 -67.35
C ILE A 571 -10.99 -5.01 -68.56
N HIS A 572 -11.66 -4.56 -69.62
CA HIS A 572 -11.02 -4.27 -70.90
C HIS A 572 -11.25 -2.83 -71.30
N PRO A 573 -10.25 -2.13 -71.82
CA PRO A 573 -8.84 -2.51 -71.96
C PRO A 573 -7.97 -2.09 -70.76
N THR A 574 -7.30 -3.06 -70.12
CA THR A 574 -6.32 -2.83 -69.05
C THR A 574 -5.15 -3.79 -69.22
N CYS A 575 -4.04 -3.46 -68.57
CA CYS A 575 -2.94 -4.41 -68.47
C CYS A 575 -3.31 -5.57 -67.55
N SER A 576 -4.01 -5.25 -66.45
CA SER A 576 -4.22 -6.21 -65.38
C SER A 576 -5.15 -7.36 -65.77
N GLU A 577 -6.00 -7.17 -66.79
CA GLU A 577 -6.91 -8.24 -67.22
C GLU A 577 -6.16 -9.44 -67.75
N THR A 578 -4.89 -9.25 -68.12
CA THR A 578 -4.11 -10.38 -68.60
C THR A 578 -3.99 -11.49 -67.55
N PHE A 579 -4.06 -11.16 -66.26
CA PHE A 579 -4.03 -12.21 -65.24
C PHE A 579 -5.25 -13.15 -65.30
N THR A 580 -6.36 -12.73 -65.93
CA THR A 580 -7.59 -13.52 -65.91
C THR A 580 -7.70 -14.52 -67.05
N THR A 581 -6.75 -14.53 -68.01
CA THR A 581 -6.81 -15.45 -69.14
C THR A 581 -5.48 -16.16 -69.39
N LEU A 582 -4.59 -16.20 -68.40
CA LEU A 582 -3.30 -16.85 -68.60
C LEU A 582 -3.46 -18.35 -68.86
N HIS A 583 -2.69 -18.87 -69.82
CA HIS A 583 -2.86 -20.27 -70.17
C HIS A 583 -1.55 -20.99 -70.56
N VAL A 584 -0.51 -20.26 -70.94
CA VAL A 584 0.74 -20.88 -71.37
C VAL A 584 1.57 -21.25 -70.15
N THR A 585 1.97 -22.52 -70.05
CA THR A 585 2.84 -23.00 -68.98
C THR A 585 4.29 -23.03 -69.45
N LYS A 586 5.21 -22.99 -68.48
CA LYS A 586 6.63 -23.01 -68.82
C LYS A 586 7.07 -24.40 -69.27
N LYS A 587 6.52 -25.43 -68.65
CA LYS A 587 6.82 -26.81 -69.02
C LYS A 587 6.42 -27.08 -70.47
N SER A 588 5.31 -26.51 -70.92
CA SER A 588 4.90 -26.65 -72.30
C SER A 588 6.01 -26.25 -73.27
N GLY A 589 6.91 -25.37 -72.83
CA GLY A 589 7.88 -24.79 -73.73
C GLY A 589 7.32 -23.82 -74.75
N VAL A 590 6.02 -23.54 -74.74
CA VAL A 590 5.45 -22.61 -75.70
C VAL A 590 5.92 -21.19 -75.39
N SER A 591 6.14 -20.40 -76.45
CA SER A 591 6.58 -19.03 -76.26
C SER A 591 5.52 -18.24 -75.49
N PRO A 592 5.93 -17.29 -74.64
CA PRO A 592 4.97 -16.36 -74.01
C PRO A 592 4.73 -15.07 -74.77
N ILE A 593 5.42 -14.81 -75.89
CA ILE A 593 5.14 -13.60 -76.66
C ILE A 593 3.68 -13.59 -77.11
N VAL A 594 3.22 -12.42 -77.52
CA VAL A 594 1.85 -12.26 -78.00
C VAL A 594 1.75 -11.97 -79.51
N GLY B 7 -22.50 -21.94 69.30
CA GLY B 7 -22.38 -21.19 68.06
C GLY B 7 -22.71 -19.72 68.19
N THR B 8 -23.98 -19.44 68.52
CA THR B 8 -24.49 -18.07 68.52
C THR B 8 -23.82 -17.21 69.59
N SER B 9 -23.69 -17.75 70.81
CA SER B 9 -23.18 -16.96 71.92
C SER B 9 -21.84 -16.30 71.59
N GLN B 10 -20.93 -17.02 70.90
CA GLN B 10 -19.60 -16.48 70.64
C GLN B 10 -19.63 -15.31 69.66
N TRP B 11 -20.60 -15.30 68.75
CA TRP B 11 -20.82 -14.12 67.93
C TRP B 11 -21.25 -12.94 68.80
N LEU B 12 -22.26 -13.14 69.66
CA LEU B 12 -22.80 -12.04 70.46
C LEU B 12 -21.75 -11.46 71.40
N ARG B 13 -20.89 -12.30 71.98
CA ARG B 13 -19.84 -11.81 72.87
C ARG B 13 -18.87 -10.91 72.12
N LYS B 14 -18.50 -11.32 70.89
CA LYS B 14 -17.54 -10.55 70.10
C LYS B 14 -18.15 -9.25 69.59
N THR B 15 -19.43 -9.29 69.22
CA THR B 15 -20.11 -8.10 68.70
C THR B 15 -20.28 -7.04 69.78
N VAL B 16 -20.74 -7.45 70.98
CA VAL B 16 -20.92 -6.51 72.07
C VAL B 16 -19.58 -5.95 72.52
N ASP B 17 -18.55 -6.80 72.56
CA ASP B 17 -17.25 -6.35 73.03
C ASP B 17 -16.60 -5.37 72.07
N SER B 18 -16.95 -5.43 70.78
CA SER B 18 -16.29 -4.65 69.75
C SER B 18 -17.08 -3.43 69.32
N ALA B 19 -18.40 -3.54 69.16
CA ALA B 19 -19.20 -2.40 68.73
C ALA B 19 -19.05 -1.21 69.68
N ALA B 20 -19.15 -0.01 69.11
CA ALA B 20 -19.06 1.22 69.90
C ALA B 20 -20.42 1.59 70.50
N VAL B 21 -21.45 1.67 69.65
CA VAL B 21 -22.83 1.87 70.10
C VAL B 21 -23.71 0.94 69.28
N ILE B 22 -24.45 0.06 69.94
CA ILE B 22 -25.25 -0.94 69.23
C ILE B 22 -26.59 -1.11 69.94
N LEU B 23 -27.67 -1.09 69.16
CA LEU B 23 -29.02 -1.24 69.66
C LEU B 23 -29.56 -2.58 69.15
N PHE B 24 -29.95 -3.45 70.09
CA PHE B 24 -30.69 -4.66 69.75
C PHE B 24 -32.17 -4.32 69.77
N SER B 25 -32.83 -4.40 68.62
CA SER B 25 -34.15 -3.82 68.42
C SER B 25 -35.09 -4.80 67.75
N LYS B 26 -36.32 -4.33 67.49
CA LYS B 26 -37.31 -5.01 66.67
C LYS B 26 -38.10 -3.96 65.89
N THR B 27 -38.45 -4.31 64.65
CA THR B 27 -39.24 -3.41 63.82
C THR B 27 -40.69 -3.33 64.29
N THR B 28 -41.16 -4.35 65.02
CA THR B 28 -42.54 -4.41 65.46
C THR B 28 -42.77 -3.67 66.78
N CYS B 29 -41.86 -3.79 67.73
CA CYS B 29 -42.06 -3.22 69.07
C CYS B 29 -41.89 -1.70 69.04
N PRO B 30 -42.95 -0.91 69.26
CA PRO B 30 -42.81 0.56 69.18
C PRO B 30 -42.00 1.17 70.32
N TYR B 31 -41.71 0.41 71.38
CA TYR B 31 -40.78 0.89 72.40
C TYR B 31 -39.40 1.14 71.81
N CYS B 32 -39.06 0.43 70.73
CA CYS B 32 -37.76 0.61 70.10
C CYS B 32 -37.73 1.88 69.27
N LYS B 33 -38.81 2.14 68.52
CA LYS B 33 -38.97 3.39 67.79
C LYS B 33 -38.88 4.59 68.73
N LYS B 34 -39.39 4.44 69.95
CA LYS B 34 -39.20 5.47 70.96
C LYS B 34 -37.71 5.75 71.18
N VAL B 35 -36.91 4.69 71.32
CA VAL B 35 -35.50 4.88 71.62
C VAL B 35 -34.74 5.35 70.38
N LYS B 36 -35.06 4.80 69.21
CA LYS B 36 -34.36 5.21 68.00
C LYS B 36 -34.49 6.71 67.78
N ASP B 37 -35.71 7.24 67.92
CA ASP B 37 -35.93 8.68 67.74
C ASP B 37 -35.04 9.48 68.68
N VAL B 38 -34.94 9.04 69.94
CA VAL B 38 -34.09 9.74 70.91
C VAL B 38 -32.65 9.78 70.43
N LEU B 39 -32.16 8.66 69.88
CA LEU B 39 -30.78 8.63 69.40
C LEU B 39 -30.62 9.47 68.13
N ALA B 40 -31.64 9.49 67.27
CA ALA B 40 -31.59 10.34 66.08
C ALA B 40 -31.51 11.81 66.47
N GLU B 41 -32.42 12.26 67.33
CA GLU B 41 -32.44 13.67 67.72
C GLU B 41 -31.19 14.04 68.52
N ALA B 42 -30.73 13.14 69.39
CA ALA B 42 -29.48 13.36 70.08
C ALA B 42 -28.28 13.28 69.15
N LYS B 43 -28.51 13.05 67.85
CA LYS B 43 -27.45 12.97 66.85
C LYS B 43 -26.38 11.98 67.28
N ILE B 44 -26.83 10.81 67.72
CA ILE B 44 -25.96 9.72 68.15
C ILE B 44 -26.03 8.62 67.11
N LYS B 45 -24.89 8.30 66.51
CA LYS B 45 -24.80 7.23 65.52
C LYS B 45 -24.51 5.89 66.20
N HIS B 46 -25.01 4.82 65.59
CA HIS B 46 -24.98 3.52 66.24
C HIS B 46 -25.36 2.44 65.24
N ALA B 47 -24.94 1.23 65.53
CA ALA B 47 -25.43 0.07 64.81
C ALA B 47 -26.78 -0.36 65.37
N THR B 48 -27.47 -1.20 64.61
CA THR B 48 -28.77 -1.72 65.00
C THR B 48 -28.89 -3.15 64.51
N ILE B 49 -29.28 -4.06 65.41
CA ILE B 49 -29.47 -5.47 65.08
C ILE B 49 -30.95 -5.79 65.34
N GLU B 50 -31.80 -5.59 64.32
CA GLU B 50 -33.24 -5.87 64.39
C GLU B 50 -33.47 -7.37 64.54
N LEU B 51 -33.93 -7.81 65.70
CA LEU B 51 -33.96 -9.25 65.96
C LEU B 51 -35.09 -9.96 65.22
N ASP B 52 -36.16 -9.26 64.82
CA ASP B 52 -37.24 -9.94 64.11
C ASP B 52 -36.89 -10.27 62.66
N GLN B 53 -35.82 -9.69 62.12
CA GLN B 53 -35.41 -9.89 60.73
C GLN B 53 -34.21 -10.83 60.60
N LEU B 54 -33.96 -11.69 61.58
CA LEU B 54 -32.88 -12.68 61.55
C LEU B 54 -33.40 -14.07 61.89
N SER B 55 -32.70 -15.07 61.38
CA SER B 55 -33.13 -16.46 61.56
C SER B 55 -33.16 -16.83 63.03
N ASN B 56 -32.00 -16.89 63.68
CA ASN B 56 -31.99 -17.25 65.09
C ASN B 56 -32.13 -16.01 65.97
N GLY B 57 -32.87 -15.00 65.48
CA GLY B 57 -33.11 -13.80 66.27
C GLY B 57 -33.81 -14.04 67.60
N SER B 58 -34.47 -15.19 67.75
CA SER B 58 -35.14 -15.51 69.00
C SER B 58 -34.24 -16.24 70.00
N ALA B 59 -33.14 -16.83 69.54
CA ALA B 59 -32.15 -17.39 70.44
C ALA B 59 -31.16 -16.34 70.94
N ILE B 60 -30.90 -15.32 70.12
CA ILE B 60 -30.02 -14.23 70.55
C ILE B 60 -30.65 -13.46 71.70
N GLN B 61 -31.96 -13.19 71.59
CA GLN B 61 -32.68 -12.49 72.65
C GLN B 61 -32.48 -13.18 74.00
N LYS B 62 -32.72 -14.49 74.04
CA LYS B 62 -32.50 -15.24 75.28
C LYS B 62 -31.05 -15.19 75.71
N CYS B 63 -30.10 -15.15 74.76
CA CYS B 63 -28.69 -15.12 75.09
C CYS B 63 -28.22 -13.73 75.50
N LEU B 64 -29.00 -12.68 75.18
CA LEU B 64 -28.63 -11.32 75.57
C LEU B 64 -28.66 -11.12 77.08
N ALA B 65 -29.42 -11.95 77.80
CA ALA B 65 -29.55 -11.83 79.25
C ALA B 65 -28.27 -12.17 79.99
N SER B 66 -27.29 -12.81 79.33
CA SER B 66 -26.00 -13.05 79.96
C SER B 66 -25.25 -11.76 80.25
N PHE B 67 -25.62 -10.66 79.59
CA PHE B 67 -25.01 -9.36 79.84
C PHE B 67 -25.90 -8.47 80.67
N SER B 68 -27.21 -8.47 80.40
CA SER B 68 -28.12 -7.49 80.99
C SER B 68 -29.00 -8.07 82.09
N LYS B 69 -29.20 -9.39 82.11
CA LYS B 69 -30.16 -10.08 82.98
C LYS B 69 -31.61 -9.75 82.62
N ILE B 70 -31.86 -9.21 81.43
CA ILE B 70 -33.22 -9.08 80.91
C ILE B 70 -33.28 -9.77 79.54
N GLU B 71 -34.47 -10.25 79.18
CA GLU B 71 -34.72 -10.98 77.94
C GLU B 71 -35.53 -10.17 76.93
N THR B 72 -35.76 -8.90 77.20
CA THR B 72 -36.67 -8.08 76.42
C THR B 72 -35.88 -7.08 75.57
N VAL B 73 -36.60 -6.40 74.68
CA VAL B 73 -36.02 -5.52 73.68
C VAL B 73 -36.74 -4.18 73.76
N PRO B 74 -36.05 -3.03 73.67
CA PRO B 74 -34.66 -2.79 73.25
C PRO B 74 -33.58 -2.91 74.32
N GLN B 75 -32.36 -3.19 73.87
CA GLN B 75 -31.17 -3.14 74.71
C GLN B 75 -30.08 -2.36 73.98
N MET B 76 -29.43 -1.45 74.69
CA MET B 76 -28.38 -0.61 74.13
C MET B 76 -27.08 -0.82 74.89
N PHE B 77 -25.98 -0.95 74.15
CA PHE B 77 -24.66 -1.15 74.72
C PHE B 77 -23.72 -0.04 74.24
N VAL B 78 -22.71 0.26 75.06
CA VAL B 78 -21.66 1.18 74.67
C VAL B 78 -20.35 0.52 75.03
N ARG B 79 -19.59 0.11 74.02
CA ARG B 79 -18.23 -0.38 74.20
C ARG B 79 -18.17 -1.55 75.17
N GLY B 80 -19.15 -2.47 75.05
CA GLY B 80 -19.22 -3.67 75.85
C GLY B 80 -20.17 -3.58 77.03
N LYS B 81 -20.37 -2.39 77.57
CA LYS B 81 -21.17 -2.19 78.76
C LYS B 81 -22.64 -2.02 78.38
N PHE B 82 -23.52 -2.67 79.15
CA PHE B 82 -24.96 -2.50 78.98
C PHE B 82 -25.40 -1.17 79.59
N ILE B 83 -26.25 -0.44 78.88
CA ILE B 83 -26.62 0.93 79.25
C ILE B 83 -28.02 1.01 79.85
N GLY B 84 -28.96 0.24 79.32
CA GLY B 84 -30.29 0.23 79.88
C GLY B 84 -31.34 -0.14 78.85
N ASP B 85 -32.58 -0.20 79.33
CA ASP B 85 -33.76 -0.43 78.51
C ASP B 85 -34.40 0.92 78.15
N SER B 86 -35.65 0.89 77.71
CA SER B 86 -36.35 2.11 77.31
C SER B 86 -36.34 3.17 78.41
N GLN B 87 -36.79 2.80 79.62
CA GLN B 87 -36.91 3.77 80.70
C GLN B 87 -35.54 4.30 81.13
N THR B 88 -34.53 3.42 81.21
CA THR B 88 -33.21 3.85 81.68
C THR B 88 -32.55 4.82 80.71
N VAL B 89 -32.71 4.59 79.41
CA VAL B 89 -32.11 5.49 78.43
C VAL B 89 -32.83 6.84 78.42
N LEU B 90 -34.16 6.83 78.56
CA LEU B 90 -34.87 8.10 78.66
C LEU B 90 -34.59 8.83 79.97
N LYS B 91 -34.20 8.11 81.02
CA LYS B 91 -33.74 8.75 82.25
C LYS B 91 -32.43 9.49 82.03
N TYR B 92 -31.53 8.90 81.24
CA TYR B 92 -30.25 9.55 80.95
C TYR B 92 -30.44 10.73 80.00
N TYR B 93 -31.37 10.62 79.03
CA TYR B 93 -31.62 11.74 78.14
C TYR B 93 -32.23 12.93 78.88
N SER B 94 -33.17 12.66 79.79
CA SER B 94 -33.86 13.74 80.50
C SER B 94 -32.89 14.51 81.39
N ASN B 95 -32.11 13.79 82.19
CA ASN B 95 -31.09 14.39 83.05
C ASN B 95 -29.85 14.86 82.30
N ASP B 96 -29.83 14.74 80.97
CA ASP B 96 -28.67 15.11 80.15
C ASP B 96 -27.40 14.41 80.61
N GLU B 97 -27.51 13.10 80.86
CA GLU B 97 -26.38 12.26 81.19
C GLU B 97 -25.97 11.36 80.03
N LEU B 98 -26.68 11.43 78.89
CA LEU B 98 -26.46 10.49 77.79
C LEU B 98 -25.19 10.78 77.02
N ALA B 99 -24.85 12.06 76.83
CA ALA B 99 -23.67 12.42 76.03
C ALA B 99 -22.40 11.86 76.64
N GLY B 100 -22.23 12.04 77.95
CA GLY B 100 -21.02 11.55 78.62
C GLY B 100 -20.97 10.05 78.77
N ILE B 101 -22.11 9.38 78.71
CA ILE B 101 -22.13 7.92 78.81
C ILE B 101 -21.74 7.29 77.47
N VAL B 102 -22.23 7.85 76.35
CA VAL B 102 -21.85 7.33 75.03
C VAL B 102 -20.44 7.73 74.61
N ASN B 103 -19.87 8.79 75.18
CA ASN B 103 -18.54 9.21 74.79
C ASN B 103 -17.43 8.62 75.64
N GLU B 104 -17.74 7.98 76.77
CA GLU B 104 -16.69 7.50 77.65
C GLU B 104 -16.04 6.25 77.06
N SER B 105 -14.74 6.35 76.81
CA SER B 105 -13.99 5.26 76.21
C SER B 105 -12.67 5.10 76.94
N LYS B 106 -12.16 3.88 76.91
CA LYS B 106 -10.84 3.61 77.46
C LYS B 106 -9.75 4.26 76.61
N TYR B 107 -9.99 4.45 75.32
CA TYR B 107 -8.99 5.01 74.42
C TYR B 107 -9.48 6.32 73.80
N ASP B 108 -8.54 7.03 73.16
CA ASP B 108 -8.88 8.25 72.45
C ASP B 108 -9.89 7.99 71.33
N TYR B 109 -9.65 6.96 70.51
CA TYR B 109 -10.52 6.65 69.39
C TYR B 109 -10.90 5.18 69.42
N ASP B 110 -12.07 4.86 68.84
CA ASP B 110 -12.39 3.47 68.59
C ASP B 110 -11.57 2.89 67.46
N LEU B 111 -11.08 3.71 66.54
CA LEU B 111 -10.40 3.23 65.36
C LEU B 111 -9.41 4.29 64.90
N ILE B 112 -8.18 3.88 64.69
CA ILE B 112 -7.18 4.70 64.02
C ILE B 112 -6.81 3.98 62.72
N VAL B 113 -6.94 4.67 61.60
CA VAL B 113 -6.51 4.17 60.29
C VAL B 113 -5.22 4.88 59.92
N ILE B 114 -4.14 4.11 59.73
CA ILE B 114 -2.87 4.64 59.25
C ILE B 114 -2.83 4.47 57.74
N GLY B 115 -2.89 5.59 57.02
CA GLY B 115 -2.91 5.57 55.55
C GLY B 115 -4.21 6.08 54.97
N GLY B 116 -4.17 7.20 54.28
CA GLY B 116 -5.40 7.77 53.73
C GLY B 116 -5.59 7.52 52.24
N GLY B 117 -5.57 6.25 51.84
CA GLY B 117 -5.72 5.87 50.44
C GLY B 117 -6.98 5.08 50.15
N SER B 118 -6.95 4.24 49.11
CA SER B 118 -8.17 3.56 48.69
C SER B 118 -8.82 2.80 49.84
N GLY B 119 -8.08 1.88 50.46
CA GLY B 119 -8.65 1.07 51.52
C GLY B 119 -8.85 1.83 52.83
N GLY B 120 -7.89 2.67 53.19
CA GLY B 120 -7.96 3.40 54.45
C GLY B 120 -9.16 4.34 54.52
N LEU B 121 -9.34 5.16 53.48
CA LEU B 121 -10.50 6.06 53.48
C LEU B 121 -11.80 5.27 53.45
N ALA B 122 -11.82 4.14 52.74
CA ALA B 122 -13.05 3.34 52.72
C ALA B 122 -13.38 2.82 54.11
N ALA B 123 -12.43 2.14 54.75
CA ALA B 123 -12.67 1.59 56.09
C ALA B 123 -13.14 2.66 57.08
N GLY B 124 -12.53 3.84 57.03
CA GLY B 124 -12.84 4.86 58.03
C GLY B 124 -14.25 5.42 57.90
N LYS B 125 -14.65 5.76 56.68
CA LYS B 125 -16.00 6.31 56.48
C LYS B 125 -17.05 5.29 56.86
N GLU B 126 -16.82 4.02 56.52
CA GLU B 126 -17.79 3.00 56.91
C GLU B 126 -17.85 2.85 58.43
N ALA B 127 -16.71 2.92 59.12
CA ALA B 127 -16.73 2.70 60.57
C ALA B 127 -17.51 3.81 61.28
N ALA B 128 -17.29 5.07 60.88
CA ALA B 128 -17.97 6.18 61.53
C ALA B 128 -19.48 6.14 61.32
N LYS B 129 -19.97 5.41 60.32
CA LYS B 129 -21.42 5.26 60.15
C LYS B 129 -22.04 4.62 61.39
N TYR B 130 -21.39 3.60 61.95
CA TYR B 130 -21.96 2.81 63.02
C TYR B 130 -21.60 3.32 64.41
N GLY B 131 -21.10 4.56 64.51
CA GLY B 131 -20.86 5.16 65.80
C GLY B 131 -19.43 5.15 66.27
N ALA B 132 -18.52 4.54 65.52
CA ALA B 132 -17.12 4.50 65.92
C ALA B 132 -16.48 5.89 65.83
N LYS B 133 -15.78 6.28 66.89
CA LYS B 133 -15.01 7.52 66.88
C LYS B 133 -13.68 7.24 66.16
N THR B 134 -13.44 7.94 65.04
CA THR B 134 -12.46 7.47 64.07
C THR B 134 -11.48 8.57 63.68
N ALA B 135 -10.22 8.19 63.53
CA ALA B 135 -9.19 9.07 63.01
C ALA B 135 -8.53 8.42 61.80
N VAL B 136 -8.30 9.20 60.76
CA VAL B 136 -7.59 8.74 59.57
C VAL B 136 -6.32 9.58 59.43
N LEU B 137 -5.17 8.91 59.45
CA LEU B 137 -3.88 9.55 59.27
C LEU B 137 -3.41 9.37 57.83
N ASP B 138 -2.86 10.44 57.24
CA ASP B 138 -2.26 10.35 55.91
C ASP B 138 -1.12 11.35 55.76
N TYR B 139 -0.02 10.90 55.18
CA TYR B 139 1.12 11.76 54.89
C TYR B 139 1.77 11.26 53.61
N VAL B 140 2.28 12.17 52.79
CA VAL B 140 2.89 11.81 51.51
C VAL B 140 4.36 12.23 51.54
N GLU B 141 5.22 11.25 51.81
CA GLU B 141 6.67 11.38 51.71
C GLU B 141 7.08 11.82 50.31
N PRO B 142 7.70 12.98 50.14
CA PRO B 142 8.06 13.44 48.80
C PRO B 142 9.03 12.49 48.09
N THR B 143 8.98 12.54 46.77
CA THR B 143 9.88 11.76 45.92
C THR B 143 11.28 12.38 45.95
N PRO B 144 12.29 11.66 45.45
CA PRO B 144 13.67 12.22 45.45
C PRO B 144 13.82 13.61 44.83
N ILE B 145 13.06 13.95 43.78
CA ILE B 145 13.18 15.30 43.23
C ILE B 145 12.14 16.24 43.86
N GLY B 146 11.38 15.75 44.86
CA GLY B 146 10.50 16.60 45.64
C GLY B 146 8.99 16.52 45.37
N THR B 147 8.54 15.75 44.36
CA THR B 147 7.11 15.70 44.06
C THR B 147 6.29 15.31 45.29
N THR B 148 5.11 15.91 45.42
CA THR B 148 4.20 15.57 46.50
C THR B 148 2.77 15.81 46.01
N TRP B 149 1.79 15.30 46.77
CA TRP B 149 0.37 15.41 46.39
C TRP B 149 -0.53 15.31 47.61
N GLY B 150 -1.85 15.33 47.37
CA GLY B 150 -2.84 15.45 48.42
C GLY B 150 -3.50 14.14 48.81
N LEU B 151 -4.63 14.25 49.51
CA LEU B 151 -5.29 13.11 50.14
C LEU B 151 -5.96 12.21 49.11
N GLY B 152 -5.86 10.89 49.33
CA GLY B 152 -6.57 9.93 48.49
C GLY B 152 -5.78 8.68 48.07
N GLY B 153 -4.46 8.69 48.25
CA GLY B 153 -3.68 7.48 48.01
C GLY B 153 -3.13 7.38 46.61
N THR B 154 -2.69 6.18 46.26
CA THR B 154 -1.94 6.02 45.02
C THR B 154 -2.84 6.06 43.79
N CYS B 155 -3.96 5.33 43.82
CA CYS B 155 -4.89 5.34 42.68
C CYS B 155 -5.32 6.75 42.30
N VAL B 156 -5.71 7.56 43.31
CA VAL B 156 -6.30 8.88 43.06
C VAL B 156 -5.27 9.84 42.49
N ASN B 157 -4.06 9.86 43.06
CA ASN B 157 -3.08 10.90 42.77
C ASN B 157 -2.03 10.51 41.73
N VAL B 158 -1.53 9.26 41.74
CA VAL B 158 -0.37 8.87 40.95
C VAL B 158 -0.53 7.47 40.35
N GLY B 159 -1.78 7.08 40.08
CA GLY B 159 -2.10 5.73 39.65
C GLY B 159 -3.27 5.63 38.68
N CYS B 160 -4.31 4.85 39.04
CA CYS B 160 -5.34 4.48 38.06
C CYS B 160 -6.01 5.70 37.41
N ILE B 161 -6.29 6.74 38.20
CA ILE B 161 -7.09 7.87 37.75
C ILE B 161 -6.28 8.67 36.74
N PRO B 162 -5.08 9.19 37.07
CA PRO B 162 -4.37 9.97 36.04
C PRO B 162 -3.86 9.10 34.90
N LYS B 163 -3.52 7.84 35.16
CA LYS B 163 -3.11 6.92 34.11
C LYS B 163 -4.22 6.73 33.04
N LYS B 164 -5.47 6.49 33.46
CA LYS B 164 -6.50 6.25 32.46
C LYS B 164 -6.85 7.52 31.70
N LEU B 165 -6.80 8.67 32.39
CA LEU B 165 -7.03 9.94 31.69
C LEU B 165 -6.02 10.13 30.57
N MET B 166 -4.74 9.89 30.87
CA MET B 166 -3.72 10.05 29.82
C MET B 166 -3.83 8.96 28.76
N HIS B 167 -4.20 7.74 29.18
CA HIS B 167 -4.56 6.73 28.19
C HIS B 167 -5.67 7.23 27.25
N GLN B 168 -6.61 8.02 27.79
CA GLN B 168 -7.75 8.47 26.97
C GLN B 168 -7.32 9.53 25.97
N ALA B 169 -6.49 10.49 26.40
CA ALA B 169 -5.85 11.42 25.46
C ALA B 169 -5.09 10.69 24.38
N GLY B 170 -4.48 9.55 24.71
CA GLY B 170 -3.79 8.77 23.69
C GLY B 170 -4.75 8.10 22.72
N LEU B 171 -5.87 7.57 23.24
CA LEU B 171 -6.88 6.96 22.37
C LEU B 171 -7.52 7.99 21.45
N LEU B 172 -7.60 9.25 21.89
CA LEU B 172 -8.25 10.24 21.06
C LEU B 172 -7.48 10.48 19.76
N SER B 173 -6.20 10.10 19.70
CA SER B 173 -5.43 10.31 18.47
C SER B 173 -5.94 9.39 17.35
N HIS B 174 -6.38 8.17 17.71
CA HIS B 174 -6.94 7.30 16.68
C HIS B 174 -8.33 7.74 16.27
N ALA B 175 -9.10 8.31 17.21
CA ALA B 175 -10.37 8.95 16.86
C ALA B 175 -10.18 10.04 15.80
N LEU B 176 -9.16 10.89 15.96
CA LEU B 176 -8.87 11.90 14.96
C LEU B 176 -8.51 11.27 13.62
N GLU B 177 -7.76 10.18 13.64
CA GLU B 177 -7.44 9.47 12.41
C GLU B 177 -8.70 8.87 11.79
N ASP B 178 -9.50 8.16 12.62
CA ASP B 178 -10.72 7.50 12.13
C ASP B 178 -11.70 8.50 11.52
N ALA B 179 -11.81 9.70 12.12
CA ALA B 179 -12.87 10.64 11.74
C ALA B 179 -12.86 10.97 10.25
N GLU B 180 -11.70 10.98 9.62
CA GLU B 180 -11.62 11.25 8.18
C GLU B 180 -12.41 10.21 7.40
N HIS B 181 -12.14 8.93 7.68
CA HIS B 181 -12.81 7.86 6.96
C HIS B 181 -14.31 7.84 7.20
N PHE B 182 -14.81 8.40 8.30
CA PHE B 182 -16.25 8.46 8.53
C PHE B 182 -16.88 9.73 7.97
N GLY B 183 -16.11 10.59 7.31
CA GLY B 183 -16.67 11.71 6.57
C GLY B 183 -16.27 13.08 7.07
N TRP B 184 -15.55 13.18 8.19
CA TRP B 184 -15.20 14.48 8.75
C TRP B 184 -13.97 15.07 8.07
N SER B 185 -13.94 16.41 8.00
CA SER B 185 -13.05 17.14 7.10
C SER B 185 -11.78 17.62 7.77
N LEU B 186 -11.32 16.98 8.84
CA LEU B 186 -10.09 17.41 9.47
C LEU B 186 -8.90 16.71 8.83
N ASP B 187 -7.70 17.20 9.12
CA ASP B 187 -6.47 16.59 8.60
C ASP B 187 -5.55 16.24 9.78
N ARG B 188 -5.63 14.99 10.22
CA ARG B 188 -4.86 14.54 11.39
C ARG B 188 -3.38 14.89 11.31
N SER B 189 -2.82 14.93 10.09
CA SER B 189 -1.39 15.21 9.92
C SER B 189 -0.99 16.58 10.43
N LYS B 190 -1.94 17.52 10.54
CA LYS B 190 -1.65 18.90 10.90
C LYS B 190 -2.06 19.23 12.34
N ILE B 191 -2.21 18.23 13.21
CA ILE B 191 -2.66 18.43 14.58
C ILE B 191 -1.61 17.85 15.53
N SER B 192 -1.29 18.58 16.59
CA SER B 192 -0.25 18.20 17.54
C SER B 192 -0.82 18.27 18.95
N HIS B 193 -0.06 17.74 19.91
CA HIS B 193 -0.49 17.64 21.29
C HIS B 193 0.31 18.56 22.18
N ASN B 194 -0.37 19.11 23.19
CA ASN B 194 0.24 19.97 24.20
C ASN B 194 0.23 19.26 25.55
N TRP B 195 1.40 18.78 25.98
CA TRP B 195 1.51 18.03 27.23
C TRP B 195 0.99 18.84 28.42
N SER B 196 1.47 20.08 28.56
CA SER B 196 1.17 20.80 29.79
C SER B 196 -0.30 21.21 29.87
N THR B 197 -0.97 21.39 28.72
CA THR B 197 -2.42 21.60 28.76
C THR B 197 -3.14 20.36 29.30
N MET B 198 -2.68 19.17 28.89
CA MET B 198 -3.24 17.93 29.41
C MET B 198 -3.03 17.79 30.91
N VAL B 199 -1.80 18.07 31.37
CA VAL B 199 -1.50 17.90 32.79
C VAL B 199 -2.33 18.85 33.65
N GLU B 200 -2.61 20.05 33.14
CA GLU B 200 -3.46 20.96 33.90
C GLU B 200 -4.86 20.40 34.06
N GLY B 201 -5.43 19.86 32.98
CA GLY B 201 -6.74 19.24 33.08
C GLY B 201 -6.76 18.08 34.06
N VAL B 202 -5.77 17.18 33.93
CA VAL B 202 -5.66 16.01 34.82
C VAL B 202 -5.55 16.45 36.28
N GLN B 203 -4.62 17.37 36.57
CA GLN B 203 -4.40 17.77 37.96
C GLN B 203 -5.61 18.49 38.54
N SER B 204 -6.32 19.28 37.72
CA SER B 204 -7.52 19.93 38.22
C SER B 204 -8.55 18.91 38.67
N HIS B 205 -8.73 17.81 37.92
CA HIS B 205 -9.63 16.77 38.40
C HIS B 205 -9.12 16.15 39.70
N ILE B 206 -7.81 15.86 39.76
CA ILE B 206 -7.23 15.26 40.96
C ILE B 206 -7.48 16.13 42.18
N GLY B 207 -7.24 17.44 42.03
CA GLY B 207 -7.47 18.35 43.14
C GLY B 207 -8.94 18.44 43.54
N SER B 208 -9.85 18.20 42.60
CA SER B 208 -11.25 18.13 43.00
C SER B 208 -11.54 16.86 43.81
N LEU B 209 -10.75 15.79 43.63
CA LEU B 209 -10.95 14.59 44.44
C LEU B 209 -10.26 14.69 45.81
N ASN B 210 -9.13 15.40 45.90
CA ASN B 210 -8.53 15.67 47.20
C ASN B 210 -9.55 16.36 48.10
N TRP B 211 -10.04 17.52 47.64
CA TRP B 211 -11.01 18.30 48.40
C TRP B 211 -12.25 17.48 48.73
N GLY B 212 -12.75 16.71 47.75
CA GLY B 212 -13.91 15.88 48.01
C GLY B 212 -13.73 14.93 49.18
N TYR B 213 -12.58 14.24 49.23
CA TYR B 213 -12.31 13.33 50.33
C TYR B 213 -12.28 14.05 51.68
N LYS B 214 -11.65 15.22 51.74
CA LYS B 214 -11.62 15.98 53.00
C LYS B 214 -13.02 16.38 53.43
N VAL B 215 -13.87 16.81 52.49
CA VAL B 215 -15.25 17.15 52.84
C VAL B 215 -15.99 15.93 53.35
N ALA B 216 -15.76 14.77 52.72
CA ALA B 216 -16.44 13.55 53.13
C ALA B 216 -16.06 13.13 54.54
N LEU B 217 -14.80 13.34 54.93
CA LEU B 217 -14.38 12.97 56.27
C LEU B 217 -15.03 13.89 57.30
N ARG B 218 -15.01 15.20 57.04
CA ARG B 218 -15.66 16.16 57.93
C ARG B 218 -17.14 15.85 58.08
N ASP B 219 -17.85 15.66 56.97
CA ASP B 219 -19.28 15.37 57.04
C ASP B 219 -19.61 13.99 57.62
N ASN B 220 -18.61 13.15 57.93
CA ASN B 220 -18.85 11.91 58.66
C ASN B 220 -18.32 11.97 60.09
N GLN B 221 -17.84 13.13 60.53
CA GLN B 221 -17.28 13.30 61.88
C GLN B 221 -16.00 12.49 62.05
N VAL B 222 -15.27 12.26 60.97
CA VAL B 222 -13.99 11.57 61.04
C VAL B 222 -12.88 12.60 61.20
N THR B 223 -12.03 12.40 62.20
CA THR B 223 -10.87 13.28 62.40
C THR B 223 -9.79 12.97 61.37
N TYR B 224 -9.46 13.93 60.53
CA TYR B 224 -8.39 13.77 59.55
C TYR B 224 -7.14 14.51 60.03
N LEU B 225 -6.04 13.78 60.20
CA LEU B 225 -4.76 14.35 60.60
C LEU B 225 -3.76 14.13 59.47
N ASN B 226 -3.18 15.22 58.96
CA ASN B 226 -2.16 15.17 57.91
C ASN B 226 -0.80 15.00 58.58
N ALA B 227 -0.52 13.75 59.01
CA ALA B 227 0.66 13.48 59.79
C ALA B 227 1.13 12.05 59.61
N LYS B 228 2.41 11.82 59.92
CA LYS B 228 3.05 10.52 59.82
C LYS B 228 2.76 9.71 61.08
N GLY B 229 2.27 8.48 60.91
CA GLY B 229 1.86 7.62 62.01
C GLY B 229 2.79 6.44 62.16
N ARG B 230 3.18 6.17 63.41
CA ARG B 230 4.02 5.02 63.76
C ARG B 230 3.36 4.29 64.92
N LEU B 231 3.16 2.98 64.75
CA LEU B 231 2.60 2.16 65.80
C LEU B 231 3.72 1.70 66.75
N ILE B 232 3.65 2.12 68.00
CA ILE B 232 4.71 1.83 68.97
C ILE B 232 4.27 0.80 70.00
N SER B 233 2.98 0.70 70.30
CA SER B 233 2.41 -0.33 71.16
C SER B 233 1.11 -0.80 70.51
N PRO B 234 0.50 -1.92 70.94
CA PRO B 234 -0.72 -2.39 70.25
C PRO B 234 -1.88 -1.39 70.25
N HIS B 235 -1.87 -0.36 71.11
CA HIS B 235 -2.96 0.59 71.19
C HIS B 235 -2.49 2.04 71.10
N GLU B 236 -1.23 2.28 70.72
CA GLU B 236 -0.63 3.60 70.77
C GLU B 236 0.02 3.96 69.43
N VAL B 237 -0.30 5.14 68.91
CA VAL B 237 0.22 5.61 67.64
C VAL B 237 0.89 6.95 67.87
N GLN B 238 2.16 7.05 67.49
CA GLN B 238 2.91 8.29 67.57
C GLN B 238 2.85 9.02 66.23
N ILE B 239 2.51 10.30 66.28
CA ILE B 239 2.27 11.10 65.09
C ILE B 239 3.29 12.25 65.02
N THR B 240 3.68 12.60 63.79
CA THR B 240 4.58 13.72 63.54
C THR B 240 4.02 14.59 62.42
N ASP B 241 3.74 15.85 62.73
CA ASP B 241 3.05 16.74 61.80
C ASP B 241 4.07 17.49 60.93
N LYS B 242 3.62 18.56 60.27
CA LYS B 242 4.45 19.28 59.30
C LYS B 242 5.53 20.14 59.94
N ASN B 243 5.44 20.41 61.24
CA ASN B 243 6.51 21.06 61.97
C ASN B 243 7.36 20.08 62.75
N GLN B 244 7.23 18.78 62.44
CA GLN B 244 7.83 17.70 63.24
C GLN B 244 7.49 17.83 64.71
N LYS B 245 6.20 18.03 65.00
CA LYS B 245 5.69 17.99 66.37
C LYS B 245 5.18 16.60 66.69
N VAL B 246 5.81 15.95 67.68
CA VAL B 246 5.49 14.57 68.06
C VAL B 246 4.47 14.57 69.18
N SER B 247 3.58 13.59 69.15
CA SER B 247 2.55 13.39 70.15
C SER B 247 2.03 11.96 69.99
N THR B 248 1.08 11.57 70.84
CA THR B 248 0.65 10.18 70.91
C THR B 248 -0.85 10.16 71.12
N ILE B 249 -1.55 9.29 70.37
CA ILE B 249 -2.97 9.05 70.53
C ILE B 249 -3.18 7.56 70.69
N THR B 250 -4.37 7.18 71.15
CA THR B 250 -4.64 5.78 71.43
C THR B 250 -5.94 5.34 70.80
N GLY B 251 -5.98 4.10 70.35
CA GLY B 251 -7.18 3.55 69.75
C GLY B 251 -7.45 2.13 70.18
N ASN B 252 -8.73 1.76 70.18
CA ASN B 252 -9.07 0.36 70.41
C ASN B 252 -8.59 -0.50 69.23
N LYS B 253 -9.24 -0.39 68.06
CA LYS B 253 -8.81 -1.15 66.89
C LYS B 253 -7.89 -0.31 65.99
N ILE B 254 -6.95 -0.99 65.34
CA ILE B 254 -6.00 -0.34 64.44
C ILE B 254 -6.02 -1.03 63.08
N ILE B 255 -6.17 -0.24 62.01
CA ILE B 255 -6.08 -0.75 60.63
C ILE B 255 -4.84 -0.14 59.99
N LEU B 256 -3.91 -1.01 59.57
CA LEU B 256 -2.78 -0.57 58.77
C LEU B 256 -3.16 -0.62 57.29
N ALA B 257 -2.87 0.46 56.57
CA ALA B 257 -3.21 0.59 55.16
C ALA B 257 -2.34 1.62 54.47
N THR B 258 -1.02 1.42 54.47
CA THR B 258 -0.09 2.44 54.02
C THR B 258 0.46 2.23 52.61
N GLY B 259 -0.01 1.22 51.88
CA GLY B 259 0.39 1.11 50.49
C GLY B 259 1.88 0.86 50.27
N GLU B 260 2.31 1.10 49.02
CA GLU B 260 3.68 0.89 48.56
C GLU B 260 4.18 2.14 47.85
N ARG B 261 5.45 2.13 47.47
CA ARG B 261 6.07 3.17 46.65
C ARG B 261 6.96 2.52 45.60
N PRO B 262 7.29 3.24 44.53
CA PRO B 262 8.14 2.65 43.47
C PRO B 262 9.56 2.34 43.93
N LYS B 263 10.11 1.25 43.40
CA LYS B 263 11.51 0.88 43.63
C LYS B 263 12.44 1.54 42.60
N TYR B 264 13.72 1.65 42.98
CA TYR B 264 14.78 2.00 42.05
C TYR B 264 15.81 0.88 41.99
N PRO B 265 16.41 0.65 40.84
CA PRO B 265 17.50 -0.33 40.78
C PRO B 265 18.77 0.29 41.33
N GLU B 266 19.61 -0.58 41.90
CA GLU B 266 20.86 -0.14 42.56
C GLU B 266 21.92 0.10 41.51
N ILE B 267 21.81 1.21 40.78
CA ILE B 267 22.80 1.59 39.78
C ILE B 267 23.09 3.07 39.88
N PRO B 268 24.30 3.48 39.49
CA PRO B 268 24.66 4.89 39.57
C PRO B 268 23.77 5.74 38.68
N GLY B 269 23.29 6.85 39.25
CA GLY B 269 22.55 7.85 38.50
C GLY B 269 21.04 7.71 38.61
N ALA B 270 20.55 6.52 38.99
CA ALA B 270 19.13 6.23 38.89
C ALA B 270 18.31 7.21 39.71
N VAL B 271 18.51 7.21 41.03
CA VAL B 271 17.84 8.15 41.91
C VAL B 271 18.12 9.59 41.48
N GLU B 272 19.34 9.86 41.06
CA GLU B 272 19.72 11.25 40.77
C GLU B 272 19.01 11.77 39.53
N TYR B 273 19.04 11.02 38.44
CA TYR B 273 18.62 11.57 37.16
C TYR B 273 17.39 10.92 36.54
N GLY B 274 16.80 9.91 37.18
CA GLY B 274 15.59 9.27 36.69
C GLY B 274 14.35 9.72 37.46
N ILE B 275 13.19 9.37 36.91
CA ILE B 275 11.92 9.59 37.61
C ILE B 275 11.16 8.28 37.65
N THR B 276 10.03 8.29 38.36
CA THR B 276 9.11 7.15 38.38
C THR B 276 7.71 7.65 38.04
N SER B 277 6.74 6.74 38.11
CA SER B 277 5.36 7.10 37.86
C SER B 277 4.86 8.11 38.89
N ASP B 278 5.45 8.11 40.09
CA ASP B 278 5.12 9.13 41.09
C ASP B 278 5.30 10.53 40.54
N ASP B 279 6.35 10.74 39.73
CA ASP B 279 6.63 12.04 39.15
C ASP B 279 5.96 12.28 37.81
N LEU B 280 5.60 11.21 37.09
CA LEU B 280 5.23 11.38 35.68
C LEU B 280 3.93 12.18 35.53
N PHE B 281 2.97 11.95 36.43
CA PHE B 281 1.61 12.46 36.22
C PHE B 281 1.44 13.95 36.53
N SER B 282 2.44 14.61 37.13
CA SER B 282 2.38 16.05 37.31
C SER B 282 3.64 16.75 36.77
N LEU B 283 4.48 16.04 36.01
CA LEU B 283 5.66 16.61 35.38
C LEU B 283 5.30 17.89 34.64
N PRO B 284 6.01 19.00 34.86
CA PRO B 284 5.67 20.27 34.20
C PRO B 284 6.25 20.45 32.81
N TYR B 285 7.07 19.54 32.32
CA TYR B 285 7.57 19.61 30.95
C TYR B 285 7.24 18.29 30.26
N PHE B 286 7.12 18.33 28.93
CA PHE B 286 6.97 17.09 28.18
C PHE B 286 8.25 16.27 28.30
N PRO B 287 8.17 14.97 28.54
CA PRO B 287 9.38 14.16 28.74
C PRO B 287 10.30 14.10 27.53
N GLY B 288 9.78 14.32 26.32
CA GLY B 288 10.66 14.22 25.16
C GLY B 288 11.01 12.76 24.89
N LYS B 289 12.10 12.57 24.16
CA LYS B 289 12.60 11.21 23.92
C LYS B 289 12.85 10.51 25.26
N THR B 290 12.14 9.40 25.48
CA THR B 290 12.01 8.76 26.78
C THR B 290 12.45 7.31 26.72
N LEU B 291 13.07 6.84 27.80
CA LEU B 291 13.34 5.42 28.02
C LEU B 291 12.54 4.94 29.22
N VAL B 292 11.76 3.87 29.03
CA VAL B 292 11.05 3.21 30.12
C VAL B 292 11.75 1.90 30.39
N ILE B 293 12.18 1.72 31.63
CA ILE B 293 12.91 0.54 32.06
C ILE B 293 11.98 -0.30 32.91
N GLY B 294 11.72 -1.53 32.47
CA GLY B 294 10.75 -2.40 33.08
C GLY B 294 9.73 -2.88 32.07
N ALA B 295 8.90 -3.82 32.52
CA ALA B 295 7.92 -4.37 31.58
C ALA B 295 6.64 -4.83 32.25
N SER B 296 6.30 -4.28 33.42
CA SER B 296 5.05 -4.52 34.09
C SER B 296 3.95 -3.73 33.40
N TYR B 297 2.71 -3.85 33.92
CA TYR B 297 1.63 -3.07 33.32
C TYR B 297 1.87 -1.57 33.48
N VAL B 298 2.41 -1.14 34.62
CA VAL B 298 2.74 0.29 34.77
C VAL B 298 3.64 0.74 33.64
N ALA B 299 4.72 -0.01 33.38
CA ALA B 299 5.68 0.35 32.35
C ALA B 299 5.06 0.40 30.96
N LEU B 300 4.32 -0.67 30.60
CA LEU B 300 3.70 -0.71 29.28
C LEU B 300 2.58 0.32 29.13
N GLU B 301 1.75 0.50 30.15
CA GLU B 301 0.69 1.50 30.05
C GLU B 301 1.28 2.88 29.77
N CYS B 302 2.32 3.27 30.53
CA CYS B 302 2.91 4.59 30.36
C CYS B 302 3.62 4.70 29.01
N ALA B 303 4.42 3.70 28.64
CA ALA B 303 5.05 3.74 27.33
C ALA B 303 4.00 3.91 26.25
N GLY B 304 2.87 3.22 26.42
CA GLY B 304 1.81 3.28 25.42
C GLY B 304 1.22 4.66 25.22
N PHE B 305 0.82 5.32 26.32
CA PHE B 305 0.20 6.61 26.06
C PHE B 305 1.25 7.67 25.65
N LEU B 306 2.52 7.51 26.05
CA LEU B 306 3.53 8.49 25.63
C LEU B 306 3.75 8.44 24.12
N ALA B 307 3.74 7.25 23.55
CA ALA B 307 3.91 7.15 22.10
C ALA B 307 2.70 7.72 21.37
N SER B 308 1.49 7.43 21.86
CA SER B 308 0.29 7.95 21.18
C SER B 308 0.26 9.46 21.20
N LEU B 309 0.80 10.09 22.25
CA LEU B 309 0.90 11.55 22.30
C LEU B 309 2.04 12.10 21.46
N GLY B 310 2.65 11.28 20.60
CA GLY B 310 3.73 11.72 19.75
C GLY B 310 5.10 11.68 20.35
N GLY B 311 5.31 10.90 21.42
CA GLY B 311 6.63 10.77 21.98
C GLY B 311 7.48 9.71 21.28
N ASP B 312 8.79 9.87 21.44
CA ASP B 312 9.81 8.95 20.93
C ASP B 312 10.18 8.04 22.09
N VAL B 313 9.65 6.83 22.11
CA VAL B 313 9.59 6.02 23.32
C VAL B 313 10.28 4.69 23.08
N THR B 314 11.07 4.24 24.06
CA THR B 314 11.76 2.96 24.03
C THR B 314 11.51 2.23 25.35
N VAL B 315 11.30 0.91 25.29
CA VAL B 315 11.08 0.09 26.48
C VAL B 315 12.21 -0.93 26.57
N MET B 316 12.79 -1.07 27.78
CA MET B 316 13.93 -1.96 27.98
C MET B 316 13.45 -3.13 28.83
N VAL B 317 13.43 -4.32 28.25
CA VAL B 317 12.85 -5.53 28.86
C VAL B 317 13.99 -6.45 29.28
N ARG B 318 14.03 -6.77 30.58
CA ARG B 318 15.02 -7.71 31.10
C ARG B 318 14.74 -9.14 30.60
N SER B 319 13.54 -9.68 30.87
CA SER B 319 13.21 -11.03 30.40
C SER B 319 11.91 -11.08 29.59
N ILE B 320 10.74 -10.86 30.22
CA ILE B 320 9.46 -11.00 29.53
C ILE B 320 8.54 -9.81 29.82
N LEU B 321 7.52 -9.67 28.98
CA LEU B 321 6.46 -8.70 29.21
C LEU B 321 5.42 -9.27 30.16
N LEU B 322 5.01 -8.48 31.16
CA LEU B 322 3.80 -8.76 31.95
C LEU B 322 3.88 -10.08 32.71
N ARG B 323 5.00 -10.30 33.39
CA ARG B 323 5.20 -11.49 34.21
C ARG B 323 4.03 -11.67 35.18
N GLY B 324 3.51 -12.89 35.26
CA GLY B 324 2.34 -13.20 36.05
C GLY B 324 1.05 -13.33 35.25
N PHE B 325 1.01 -12.73 34.05
CA PHE B 325 -0.14 -12.77 33.16
C PHE B 325 0.06 -13.84 32.08
N ASP B 326 -1.04 -14.21 31.43
CA ASP B 326 -1.03 -15.18 30.33
C ASP B 326 -0.07 -14.71 29.24
N GLN B 327 0.97 -15.51 28.97
CA GLN B 327 2.06 -15.00 28.15
C GLN B 327 1.70 -14.95 26.67
N GLN B 328 0.75 -15.76 26.21
CA GLN B 328 0.26 -15.59 24.84
C GLN B 328 -0.37 -14.21 24.69
N MET B 329 -1.25 -13.84 25.63
CA MET B 329 -1.86 -12.51 25.59
C MET B 329 -0.83 -11.40 25.76
N ALA B 330 0.16 -11.61 26.62
CA ALA B 330 1.18 -10.59 26.84
C ALA B 330 1.94 -10.30 25.56
N GLU B 331 2.30 -11.36 24.84
CA GLU B 331 3.06 -11.20 23.61
C GLU B 331 2.23 -10.47 22.56
N LYS B 332 0.92 -10.78 22.48
CA LYS B 332 0.02 -10.04 21.58
C LYS B 332 -0.08 -8.57 21.96
N VAL B 333 -0.22 -8.29 23.27
CA VAL B 333 -0.18 -6.91 23.75
C VAL B 333 1.05 -6.20 23.23
N GLY B 334 2.22 -6.82 23.37
CA GLY B 334 3.47 -6.14 23.03
C GLY B 334 3.72 -6.09 21.53
N ASP B 335 3.29 -7.12 20.81
CA ASP B 335 3.34 -7.09 19.35
C ASP B 335 2.57 -5.90 18.81
N TYR B 336 1.34 -5.67 19.32
CA TYR B 336 0.58 -4.50 18.91
C TYR B 336 1.36 -3.21 19.15
N MET B 337 1.91 -3.04 20.36
CA MET B 337 2.66 -1.82 20.63
C MET B 337 3.83 -1.67 19.67
N GLU B 338 4.57 -2.76 19.42
CA GLU B 338 5.76 -2.64 18.59
C GLU B 338 5.42 -2.26 17.16
N ASN B 339 4.21 -2.62 16.71
CA ASN B 339 3.73 -2.30 15.38
C ASN B 339 3.10 -0.93 15.30
N HIS B 340 2.82 -0.29 16.43
CA HIS B 340 2.22 1.04 16.41
C HIS B 340 3.09 2.06 17.15
N GLY B 341 4.41 1.92 17.05
CA GLY B 341 5.30 3.02 17.32
C GLY B 341 5.95 3.08 18.68
N VAL B 342 5.90 1.98 19.46
CA VAL B 342 6.73 1.82 20.64
C VAL B 342 7.92 0.97 20.22
N LYS B 343 9.14 1.37 20.60
CA LYS B 343 10.34 0.60 20.29
C LYS B 343 10.77 -0.21 21.50
N PHE B 344 11.22 -1.42 21.26
CA PHE B 344 11.61 -2.30 22.36
C PHE B 344 13.08 -2.67 22.23
N ALA B 345 13.78 -2.68 23.37
CA ALA B 345 15.16 -3.20 23.48
C ALA B 345 15.10 -4.46 24.32
N LYS B 346 15.17 -5.61 23.67
CA LYS B 346 14.80 -6.87 24.30
C LYS B 346 16.00 -7.55 24.96
N LEU B 347 15.73 -8.23 26.08
CA LEU B 347 16.73 -8.94 26.88
C LEU B 347 17.90 -8.04 27.26
N CYS B 348 17.58 -6.92 27.93
CA CYS B 348 18.54 -5.85 28.18
C CYS B 348 18.28 -5.18 29.52
N VAL B 349 19.36 -4.89 30.26
CA VAL B 349 19.25 -4.21 31.56
C VAL B 349 20.12 -2.97 31.55
N PRO B 350 19.88 -2.02 32.45
CA PRO B 350 20.76 -0.83 32.58
C PRO B 350 21.92 -0.99 33.55
N ASP B 351 23.00 -0.25 33.27
CA ASP B 351 24.19 -0.24 34.12
C ASP B 351 24.47 1.09 34.83
N GLU B 352 24.17 2.23 34.20
CA GLU B 352 24.42 3.55 34.80
C GLU B 352 23.70 4.62 33.97
N ILE B 353 23.31 5.70 34.66
CA ILE B 353 22.69 6.87 34.01
C ILE B 353 23.62 8.05 34.24
N LYS B 354 24.15 8.62 33.17
CA LYS B 354 25.03 9.78 33.23
C LYS B 354 24.27 11.04 32.85
N GLN B 355 24.52 12.13 33.56
CA GLN B 355 23.87 13.39 33.26
C GLN B 355 24.69 14.16 32.22
N LEU B 356 24.04 14.54 31.13
CA LEU B 356 24.68 15.43 30.16
C LEU B 356 24.16 16.85 30.24
N LYS B 357 22.89 17.04 30.62
CA LYS B 357 22.29 18.35 30.80
C LYS B 357 21.36 18.30 32.01
N VAL B 358 21.43 19.32 32.83
CA VAL B 358 20.57 19.45 33.98
C VAL B 358 19.19 19.90 33.50
N VAL B 359 18.14 19.54 34.26
CA VAL B 359 16.79 19.96 33.90
C VAL B 359 16.71 21.48 33.88
N ASP B 360 16.24 22.03 32.76
CA ASP B 360 16.05 23.48 32.61
C ASP B 360 14.72 23.86 33.28
N THR B 361 14.77 23.93 34.61
CA THR B 361 13.61 24.30 35.40
C THR B 361 13.08 25.69 35.07
N GLU B 362 13.91 26.56 34.52
CA GLU B 362 13.48 27.91 34.14
C GLU B 362 12.50 27.87 32.97
N ASN B 363 12.99 27.50 31.78
CA ASN B 363 12.20 27.50 30.55
C ASN B 363 11.34 26.26 30.39
N ASN B 364 11.27 25.39 31.40
CA ASN B 364 10.40 24.23 31.36
C ASN B 364 10.80 23.24 30.27
N LYS B 365 12.04 22.77 30.30
CA LYS B 365 12.59 21.78 29.38
C LYS B 365 13.20 20.64 30.18
N PRO B 366 13.18 19.42 29.63
CA PRO B 366 13.87 18.31 30.31
C PRO B 366 15.38 18.49 30.17
N GLY B 367 16.12 17.63 30.88
CA GLY B 367 17.56 17.62 30.68
C GLY B 367 17.99 16.73 29.53
N LEU B 368 19.12 16.05 29.69
CA LEU B 368 19.63 15.10 28.70
C LEU B 368 20.51 14.10 29.44
N LEU B 369 20.26 12.80 29.22
CA LEU B 369 20.97 11.76 29.92
C LEU B 369 21.58 10.77 28.93
N LEU B 370 22.65 10.12 29.35
CA LEU B 370 23.23 9.00 28.61
C LEU B 370 22.98 7.72 29.40
N VAL B 371 22.45 6.71 28.73
CA VAL B 371 22.13 5.43 29.36
C VAL B 371 23.07 4.38 28.81
N LYS B 372 23.72 3.67 29.72
CA LYS B 372 24.63 2.58 29.37
C LYS B 372 24.14 1.32 30.05
N GLY B 373 24.08 0.24 29.26
CA GLY B 373 23.63 -1.05 29.74
C GLY B 373 24.13 -2.10 28.78
N HIS B 374 23.72 -3.35 29.02
CA HIS B 374 24.17 -4.47 28.21
C HIS B 374 23.02 -5.44 27.96
N TYR B 375 23.08 -6.11 26.80
CA TYR B 375 22.15 -7.19 26.46
C TYR B 375 22.58 -8.51 27.11
N THR B 376 21.67 -9.48 27.05
CA THR B 376 21.85 -10.72 27.79
C THR B 376 22.95 -11.60 27.21
N ASP B 377 23.22 -11.48 25.90
CA ASP B 377 24.31 -12.24 25.33
C ASP B 377 25.66 -11.70 25.78
N GLY B 378 25.75 -10.39 26.01
CA GLY B 378 26.98 -9.71 26.38
C GLY B 378 27.16 -8.39 25.66
N LYS B 379 26.46 -8.20 24.55
CA LYS B 379 26.54 -6.97 23.78
C LYS B 379 26.11 -5.75 24.61
N LYS B 380 26.65 -4.59 24.24
CA LYS B 380 26.51 -3.38 25.01
C LYS B 380 25.39 -2.50 24.47
N PHE B 381 24.83 -1.66 25.35
CA PHE B 381 23.78 -0.70 24.99
C PHE B 381 24.23 0.69 25.40
N GLU B 382 24.10 1.65 24.50
CA GLU B 382 24.44 3.03 24.84
C GLU B 382 23.66 3.99 23.95
N GLU B 383 22.86 4.87 24.58
CA GLU B 383 21.97 5.79 23.88
C GLU B 383 21.59 6.94 24.80
N GLU B 384 21.29 8.10 24.20
CA GLU B 384 20.90 9.31 24.91
C GLU B 384 19.37 9.47 24.93
N PHE B 385 18.81 9.83 26.09
CA PHE B 385 17.38 10.12 26.26
C PHE B 385 17.19 11.40 27.07
N GLU B 386 16.07 12.07 26.85
CA GLU B 386 15.78 13.26 27.65
C GLU B 386 15.17 12.92 29.01
N THR B 387 14.46 11.79 29.11
CA THR B 387 13.82 11.34 30.35
C THR B 387 14.05 9.84 30.49
N VAL B 388 14.25 9.37 31.72
CA VAL B 388 14.34 7.93 32.00
C VAL B 388 13.39 7.62 33.14
N ILE B 389 12.43 6.72 32.89
CA ILE B 389 11.41 6.34 33.86
C ILE B 389 11.65 4.91 34.27
N PHE B 390 11.63 4.65 35.58
CA PHE B 390 11.78 3.32 36.14
C PHE B 390 10.43 2.79 36.61
N ALA B 391 10.01 1.66 36.06
CA ALA B 391 8.86 0.91 36.53
C ALA B 391 9.34 -0.53 36.75
N VAL B 392 9.99 -0.77 37.89
CA VAL B 392 10.63 -2.04 38.19
C VAL B 392 10.07 -2.61 39.47
N GLY B 393 8.79 -2.35 39.71
CA GLY B 393 8.13 -2.88 40.88
C GLY B 393 7.98 -1.83 41.96
N ARG B 394 7.14 -2.18 42.93
CA ARG B 394 6.79 -1.34 44.05
C ARG B 394 6.93 -2.18 45.32
N GLU B 395 7.19 -1.52 46.45
CA GLU B 395 7.40 -2.27 47.69
C GLU B 395 6.87 -1.46 48.86
N PRO B 396 6.45 -2.13 49.94
CA PRO B 396 6.09 -1.40 51.15
C PRO B 396 7.33 -1.10 51.98
N GLN B 397 7.21 -0.11 52.83
CA GLN B 397 8.32 0.26 53.70
C GLN B 397 7.78 0.30 55.13
N LEU B 398 7.49 -0.89 55.68
CA LEU B 398 6.83 -0.99 56.97
C LEU B 398 7.75 -0.72 58.16
N SER B 399 9.07 -0.69 57.95
CA SER B 399 9.97 -0.29 59.05
C SER B 399 9.72 1.16 59.47
N LYS B 400 9.22 1.99 58.55
CA LYS B 400 8.80 3.34 58.93
C LYS B 400 7.58 3.30 59.83
N VAL B 401 6.61 2.45 59.49
CA VAL B 401 5.30 2.47 60.12
C VAL B 401 5.26 1.72 61.45
N LEU B 402 6.10 0.70 61.61
CA LEU B 402 5.87 -0.36 62.57
C LEU B 402 7.07 -0.55 63.48
N CYS B 403 6.87 -0.38 64.79
CA CYS B 403 7.90 -0.77 65.76
C CYS B 403 7.94 -2.29 65.89
N GLU B 404 9.13 -2.86 65.70
CA GLU B 404 9.29 -4.31 65.70
C GLU B 404 8.94 -4.94 67.04
N THR B 405 8.92 -4.15 68.11
CA THR B 405 8.57 -4.68 69.42
C THR B 405 7.07 -4.92 69.57
N VAL B 406 6.24 -4.29 68.71
CA VAL B 406 4.79 -4.43 68.84
C VAL B 406 4.38 -5.87 68.55
N GLY B 407 5.04 -6.52 67.60
CA GLY B 407 4.82 -7.91 67.31
C GLY B 407 4.03 -8.25 66.05
N VAL B 408 4.03 -7.37 65.05
CA VAL B 408 3.26 -7.63 63.83
C VAL B 408 4.18 -8.40 62.89
N LYS B 409 3.78 -9.64 62.56
CA LYS B 409 4.60 -10.50 61.71
C LYS B 409 4.52 -10.10 60.24
N LEU B 410 5.69 -9.95 59.62
CA LEU B 410 5.81 -9.67 58.18
C LEU B 410 6.33 -10.91 57.47
N ASP B 411 6.18 -10.92 56.15
CA ASP B 411 6.72 -12.02 55.36
C ASP B 411 8.07 -11.62 54.77
N LYS B 412 8.64 -12.50 53.94
CA LYS B 412 9.97 -12.24 53.38
C LYS B 412 9.99 -11.01 52.48
N ASN B 413 8.86 -10.71 51.81
CA ASN B 413 8.73 -9.52 50.98
C ASN B 413 8.48 -8.24 51.76
N GLY B 414 8.30 -8.32 53.07
CA GLY B 414 7.93 -7.16 53.85
C GLY B 414 6.44 -6.89 53.95
N ARG B 415 5.60 -7.83 53.57
CA ARG B 415 4.15 -7.67 53.63
C ARG B 415 3.60 -8.33 54.88
N VAL B 416 2.40 -7.92 55.28
CA VAL B 416 1.81 -8.33 56.56
C VAL B 416 1.08 -9.67 56.40
N VAL B 417 1.42 -10.62 57.25
CA VAL B 417 0.74 -11.92 57.27
C VAL B 417 -0.55 -11.77 58.08
N CYS B 418 -1.68 -12.06 57.44
CA CYS B 418 -3.00 -11.85 58.01
C CYS B 418 -3.80 -13.13 57.88
N THR B 419 -4.81 -13.25 58.71
CA THR B 419 -5.78 -14.32 58.55
C THR B 419 -6.84 -13.90 57.54
N ASP B 420 -7.79 -14.80 57.27
CA ASP B 420 -8.80 -14.54 56.24
C ASP B 420 -9.79 -13.45 56.62
N ASP B 421 -9.72 -12.89 57.82
CA ASP B 421 -10.52 -11.72 58.16
C ASP B 421 -9.66 -10.49 58.40
N GLU B 422 -8.44 -10.48 57.86
CA GLU B 422 -7.49 -9.36 57.87
C GLU B 422 -6.78 -9.14 59.21
N GLN B 423 -7.00 -9.97 60.22
CA GLN B 423 -6.35 -9.79 61.52
C GLN B 423 -4.85 -10.11 61.44
N THR B 424 -4.01 -9.24 62.00
CA THR B 424 -2.58 -9.50 62.13
C THR B 424 -2.31 -10.50 63.27
N THR B 425 -1.03 -10.73 63.57
CA THR B 425 -0.63 -11.55 64.72
C THR B 425 -0.84 -10.83 66.06
N VAL B 426 -1.05 -9.52 66.06
CA VAL B 426 -1.51 -8.80 67.25
C VAL B 426 -3.01 -8.62 67.13
N SER B 427 -3.75 -9.04 68.16
CA SER B 427 -5.17 -9.35 68.00
C SER B 427 -6.07 -8.15 67.64
N ASN B 428 -5.64 -6.91 67.89
CA ASN B 428 -6.46 -5.72 67.65
C ASN B 428 -5.97 -4.89 66.46
N VAL B 429 -4.99 -5.40 65.71
CA VAL B 429 -4.35 -4.69 64.62
C VAL B 429 -4.62 -5.47 63.34
N TYR B 430 -5.08 -4.78 62.29
CA TYR B 430 -5.46 -5.40 61.02
C TYR B 430 -4.73 -4.71 59.87
N ALA B 431 -4.66 -5.40 58.73
CA ALA B 431 -4.07 -4.80 57.53
C ALA B 431 -4.97 -5.07 56.32
N ILE B 432 -5.00 -4.10 55.40
CA ILE B 432 -5.84 -4.16 54.20
C ILE B 432 -5.07 -3.53 53.04
N GLY B 433 -5.45 -3.91 51.83
CA GLY B 433 -4.85 -3.26 50.66
C GLY B 433 -3.54 -3.90 50.24
N ASP B 434 -2.66 -3.07 49.67
CA ASP B 434 -1.47 -3.66 49.03
C ASP B 434 -0.54 -4.32 50.04
N ILE B 435 -0.51 -3.85 51.30
CA ILE B 435 0.43 -4.43 52.26
C ILE B 435 -0.09 -5.75 52.85
N ASN B 436 -1.31 -6.14 52.57
CA ASN B 436 -1.78 -7.46 52.96
C ASN B 436 -1.15 -8.51 52.06
N ALA B 437 -0.40 -9.45 52.66
CA ALA B 437 0.42 -10.39 51.91
C ALA B 437 -0.42 -11.38 51.10
N GLY B 438 0.01 -11.66 49.86
CA GLY B 438 -0.62 -12.64 49.02
C GLY B 438 -1.92 -12.23 48.33
N LYS B 439 -2.48 -11.01 48.63
CA LYS B 439 -3.75 -10.62 48.05
C LYS B 439 -3.53 -9.76 46.81
N PRO B 440 -4.50 -9.74 45.88
CA PRO B 440 -4.34 -8.93 44.67
C PRO B 440 -4.25 -7.44 45.01
N GLN B 441 -3.28 -6.77 44.38
CA GLN B 441 -3.00 -5.36 44.68
C GLN B 441 -3.83 -4.49 43.74
N LEU B 442 -5.09 -4.25 44.13
CA LEU B 442 -6.03 -3.52 43.28
C LEU B 442 -6.92 -2.64 44.14
N THR B 443 -7.30 -1.48 43.58
CA THR B 443 -8.10 -0.52 44.36
C THR B 443 -9.49 -1.05 44.73
N PRO B 444 -10.26 -1.66 43.83
CA PRO B 444 -11.55 -2.21 44.30
C PRO B 444 -11.39 -3.27 45.37
N VAL B 445 -10.29 -4.02 45.36
CA VAL B 445 -10.09 -5.02 46.42
C VAL B 445 -9.84 -4.33 47.76
N ALA B 446 -8.97 -3.32 47.78
CA ALA B 446 -8.72 -2.58 49.01
C ALA B 446 -10.00 -1.93 49.54
N ILE B 447 -10.88 -1.44 48.65
CA ILE B 447 -12.08 -0.75 49.11
C ILE B 447 -13.05 -1.73 49.76
N GLN B 448 -13.28 -2.87 49.11
CA GLN B 448 -14.16 -3.90 49.65
C GLN B 448 -13.62 -4.46 50.98
N ALA B 449 -12.34 -4.80 51.02
CA ALA B 449 -11.75 -5.29 52.26
C ALA B 449 -11.97 -4.29 53.40
N GLY B 450 -11.70 -3.02 53.14
CA GLY B 450 -11.83 -2.01 54.19
C GLY B 450 -13.27 -1.80 54.64
N ARG B 451 -14.22 -1.84 53.70
CA ARG B 451 -15.62 -1.64 54.09
C ARG B 451 -16.15 -2.88 54.83
N TYR B 452 -15.80 -4.07 54.35
CA TYR B 452 -16.33 -5.27 55.00
C TYR B 452 -15.76 -5.45 56.40
N LEU B 453 -14.51 -5.02 56.62
CA LEU B 453 -13.90 -5.13 57.95
C LEU B 453 -14.56 -4.17 58.93
N ALA B 454 -14.77 -2.92 58.52
CA ALA B 454 -15.47 -1.96 59.37
C ALA B 454 -16.80 -2.50 59.84
N ARG B 455 -17.52 -3.18 58.96
CA ARG B 455 -18.82 -3.72 59.34
C ARG B 455 -18.68 -4.84 60.35
N ARG B 456 -17.65 -5.68 60.22
CA ARG B 456 -17.47 -6.77 61.17
C ARG B 456 -17.05 -6.25 62.54
N LEU B 457 -16.24 -5.17 62.59
CA LEU B 457 -15.76 -4.65 63.86
C LEU B 457 -16.85 -3.94 64.64
N PHE B 458 -17.72 -3.19 63.94
CA PHE B 458 -18.57 -2.24 64.62
C PHE B 458 -20.07 -2.42 64.37
N ALA B 459 -20.47 -3.40 63.56
CA ALA B 459 -21.89 -3.62 63.30
C ALA B 459 -22.27 -5.10 63.38
N GLY B 460 -21.35 -5.96 63.80
CA GLY B 460 -21.67 -7.37 64.00
C GLY B 460 -21.77 -8.19 62.73
N ALA B 461 -21.24 -7.70 61.62
CA ALA B 461 -21.34 -8.48 60.39
C ALA B 461 -20.36 -9.65 60.40
N THR B 462 -20.63 -10.64 59.53
CA THR B 462 -19.76 -11.79 59.35
C THR B 462 -19.18 -11.94 57.95
N GLU B 463 -19.72 -11.26 56.94
CA GLU B 463 -19.25 -11.41 55.57
C GLU B 463 -17.75 -11.17 55.44
N LEU B 464 -17.06 -12.13 54.84
CA LEU B 464 -15.66 -11.94 54.51
C LEU B 464 -15.53 -11.45 53.06
N THR B 465 -14.35 -10.91 52.75
CA THR B 465 -13.99 -10.53 51.38
C THR B 465 -13.51 -11.74 50.60
N ASP B 466 -14.09 -11.98 49.42
CA ASP B 466 -13.68 -13.07 48.54
C ASP B 466 -12.60 -12.55 47.61
N TYR B 467 -11.39 -13.09 47.71
CA TYR B 467 -10.25 -12.64 46.90
C TYR B 467 -9.98 -13.51 45.67
N SER B 468 -10.83 -14.50 45.37
CA SER B 468 -10.55 -15.37 44.23
C SER B 468 -11.18 -14.85 42.95
N ASN B 469 -10.52 -15.13 41.83
CA ASN B 469 -11.02 -14.80 40.49
C ASN B 469 -11.40 -13.31 40.34
N VAL B 470 -10.56 -12.42 40.87
CA VAL B 470 -10.77 -10.98 40.71
C VAL B 470 -10.28 -10.55 39.32
N ALA B 471 -11.15 -9.88 38.57
CA ALA B 471 -10.85 -9.50 37.19
C ALA B 471 -9.94 -8.28 37.14
N THR B 472 -9.10 -8.23 36.09
CA THR B 472 -8.16 -7.12 35.87
C THR B 472 -8.34 -6.56 34.47
N THR B 473 -7.77 -5.37 34.25
CA THR B 473 -7.62 -4.84 32.89
C THR B 473 -6.35 -4.03 32.78
N VAL B 474 -5.54 -4.35 31.77
CA VAL B 474 -4.31 -3.64 31.47
C VAL B 474 -4.62 -2.64 30.37
N PHE B 475 -4.35 -1.36 30.62
CA PHE B 475 -4.86 -0.31 29.74
C PHE B 475 -3.82 0.16 28.74
N THR B 476 -3.19 -0.82 28.07
CA THR B 476 -2.29 -0.57 26.97
C THR B 476 -3.06 -0.07 25.73
N PRO B 477 -2.35 0.51 24.71
CA PRO B 477 -3.04 1.08 23.54
C PRO B 477 -4.18 0.20 23.01
N LEU B 478 -3.91 -1.09 22.88
CA LEU B 478 -4.96 -2.11 22.77
C LEU B 478 -5.08 -2.80 24.13
N GLU B 479 -6.25 -2.68 24.77
CA GLU B 479 -6.44 -3.10 26.15
C GLU B 479 -6.64 -4.62 26.29
N TYR B 480 -6.35 -5.13 27.49
CA TYR B 480 -6.33 -6.57 27.76
C TYR B 480 -7.02 -6.82 29.08
N GLY B 481 -8.19 -7.45 29.02
CA GLY B 481 -8.97 -7.75 30.19
C GLY B 481 -8.92 -9.25 30.44
N ALA B 482 -9.01 -9.63 31.71
CA ALA B 482 -8.82 -11.02 32.12
C ALA B 482 -9.60 -11.30 33.40
N CYS B 483 -10.12 -12.52 33.50
CA CYS B 483 -10.69 -13.03 34.75
C CYS B 483 -10.34 -14.49 34.90
N GLY B 484 -9.76 -14.88 36.03
CA GLY B 484 -9.44 -16.28 36.25
C GLY B 484 -8.02 -16.65 35.86
N LEU B 485 -7.80 -17.96 35.67
CA LEU B 485 -6.46 -18.50 35.43
C LEU B 485 -5.94 -18.19 34.02
N SER B 486 -4.62 -18.04 33.92
CA SER B 486 -3.98 -18.08 32.61
C SER B 486 -3.99 -19.50 32.06
N GLU B 487 -3.75 -19.61 30.75
CA GLU B 487 -3.80 -20.93 30.11
C GLU B 487 -2.70 -21.85 30.66
N GLU B 488 -1.47 -21.33 30.78
CA GLU B 488 -0.36 -22.13 31.26
C GLU B 488 -0.56 -22.53 32.71
N ASP B 489 -1.25 -21.72 33.52
CA ASP B 489 -1.52 -22.09 34.91
C ASP B 489 -2.62 -23.16 35.03
N ALA B 490 -3.60 -23.14 34.12
CA ALA B 490 -4.63 -24.17 34.14
C ALA B 490 -4.07 -25.50 33.67
N ILE B 491 -3.26 -25.48 32.60
CA ILE B 491 -2.59 -26.70 32.17
C ILE B 491 -1.78 -27.27 33.33
N GLU B 492 -0.93 -26.44 33.96
CA GLU B 492 -0.08 -26.95 35.03
C GLU B 492 -0.90 -27.55 36.17
N LYS B 493 -2.01 -26.92 36.54
CA LYS B 493 -2.79 -27.39 37.68
C LYS B 493 -3.55 -28.68 37.39
N TYR B 494 -3.97 -28.89 36.13
CA TYR B 494 -4.91 -29.96 35.82
C TYR B 494 -4.42 -30.94 34.78
N GLY B 495 -3.41 -30.60 33.98
CA GLY B 495 -2.93 -31.51 32.97
C GLY B 495 -3.49 -31.17 31.61
N ASP B 496 -2.61 -31.15 30.60
CA ASP B 496 -2.99 -30.70 29.26
C ASP B 496 -4.20 -31.45 28.70
N LYS B 497 -4.39 -32.71 29.12
CA LYS B 497 -5.47 -33.52 28.58
C LYS B 497 -6.82 -33.16 29.16
N ASP B 498 -6.87 -32.53 30.34
CA ASP B 498 -8.13 -32.11 30.95
C ASP B 498 -8.53 -30.68 30.57
N ILE B 499 -7.71 -29.94 29.81
CA ILE B 499 -7.96 -28.55 29.47
C ILE B 499 -8.36 -28.46 28.01
N GLU B 500 -9.44 -27.72 27.73
CA GLU B 500 -9.88 -27.37 26.38
C GLU B 500 -9.94 -25.85 26.27
N VAL B 501 -9.46 -25.28 25.16
CA VAL B 501 -9.42 -23.83 24.97
C VAL B 501 -10.15 -23.47 23.68
N TYR B 502 -11.24 -22.73 23.82
CA TYR B 502 -11.96 -22.13 22.72
C TYR B 502 -11.46 -20.70 22.51
N HIS B 503 -11.26 -20.32 21.25
CA HIS B 503 -10.70 -19.01 20.93
C HIS B 503 -11.16 -18.57 19.54
N SER B 504 -10.91 -17.30 19.24
CA SER B 504 -11.27 -16.68 17.96
C SER B 504 -10.68 -15.27 17.90
N ASN B 505 -10.30 -14.83 16.68
CA ASN B 505 -10.04 -13.42 16.41
C ASN B 505 -11.37 -12.69 16.17
N PHE B 506 -11.33 -11.36 16.26
CA PHE B 506 -12.48 -10.57 15.82
C PHE B 506 -12.01 -9.21 15.30
N LYS B 507 -12.92 -8.51 14.64
CA LYS B 507 -12.69 -7.16 14.17
C LYS B 507 -13.86 -6.32 14.66
N PRO B 508 -13.63 -5.27 15.45
CA PRO B 508 -14.73 -4.36 15.82
C PRO B 508 -15.37 -3.76 14.58
N LEU B 509 -16.70 -3.60 14.61
CA LEU B 509 -17.36 -3.01 13.45
C LEU B 509 -16.83 -1.61 13.18
N GLU B 510 -16.51 -0.86 14.24
CA GLU B 510 -15.92 0.47 14.13
C GLU B 510 -14.61 0.46 13.34
N TRP B 511 -13.90 -0.67 13.30
CA TRP B 511 -12.63 -0.73 12.58
C TRP B 511 -12.79 -1.00 11.09
N THR B 512 -13.99 -1.33 10.61
CA THR B 512 -14.13 -1.69 9.20
C THR B 512 -13.94 -0.47 8.31
N VAL B 513 -14.78 0.56 8.48
CA VAL B 513 -14.65 1.78 7.67
C VAL B 513 -13.34 2.53 7.96
N ALA B 514 -12.75 2.33 9.14
CA ALA B 514 -11.49 2.99 9.47
C ALA B 514 -10.26 2.30 8.86
N HIS B 515 -10.43 1.13 8.25
CA HIS B 515 -9.33 0.39 7.62
C HIS B 515 -8.26 0.01 8.64
N ARG B 516 -8.69 -0.66 9.69
CA ARG B 516 -7.80 -1.16 10.73
C ARG B 516 -7.69 -2.67 10.60
N GLU B 517 -6.81 -3.27 11.41
CA GLU B 517 -6.36 -4.63 11.16
C GLU B 517 -7.50 -5.63 11.35
N ASP B 518 -7.44 -6.71 10.55
CA ASP B 518 -8.52 -7.70 10.51
C ASP B 518 -8.43 -8.69 11.66
N ASN B 519 -7.22 -9.14 11.99
CA ASN B 519 -7.01 -10.30 12.86
C ASN B 519 -6.02 -9.99 13.96
N VAL B 520 -6.23 -8.87 14.65
CA VAL B 520 -5.41 -8.48 15.78
C VAL B 520 -6.14 -8.72 17.11
N CYS B 521 -7.39 -8.28 17.22
CA CYS B 521 -8.16 -8.52 18.44
C CYS B 521 -8.44 -10.01 18.59
N TYR B 522 -8.54 -10.46 19.85
CA TYR B 522 -8.47 -11.90 20.10
C TYR B 522 -9.10 -12.24 21.44
N MET B 523 -9.80 -13.37 21.53
CA MET B 523 -10.32 -13.79 22.83
C MET B 523 -10.29 -15.30 22.94
N LYS B 524 -10.37 -15.77 24.17
CA LYS B 524 -10.29 -17.20 24.44
C LYS B 524 -10.92 -17.48 25.79
N LEU B 525 -11.49 -18.68 25.88
CA LEU B 525 -12.01 -19.26 27.12
C LEU B 525 -11.23 -20.55 27.42
N VAL B 526 -10.62 -20.60 28.60
CA VAL B 526 -9.87 -21.76 29.08
C VAL B 526 -10.79 -22.58 29.97
N CYS B 527 -11.06 -23.82 29.56
CA CYS B 527 -12.10 -24.64 30.19
C CYS B 527 -11.53 -25.98 30.65
N ARG B 528 -12.11 -26.50 31.73
CA ARG B 528 -11.75 -27.81 32.26
C ARG B 528 -12.76 -28.86 31.80
N LYS B 529 -12.28 -29.87 31.07
CA LYS B 529 -13.16 -30.91 30.54
C LYS B 529 -13.89 -31.65 31.66
N SER B 530 -13.15 -32.25 32.59
CA SER B 530 -13.77 -33.15 33.56
C SER B 530 -14.73 -32.46 34.51
N ASP B 531 -14.65 -31.14 34.68
CA ASP B 531 -15.62 -30.42 35.52
C ASP B 531 -16.68 -29.72 34.67
N ASN B 532 -17.26 -30.43 33.71
CA ASN B 532 -18.40 -29.95 32.96
C ASN B 532 -18.06 -28.78 32.04
N MET B 533 -16.82 -28.71 31.58
CA MET B 533 -16.34 -27.62 30.71
C MET B 533 -16.39 -26.26 31.44
N ARG B 534 -16.21 -26.29 32.76
CA ARG B 534 -16.15 -25.08 33.58
C ARG B 534 -15.15 -24.09 33.02
N VAL B 535 -15.53 -22.80 33.02
CA VAL B 535 -14.69 -21.72 32.48
C VAL B 535 -13.67 -21.34 33.56
N LEU B 536 -12.43 -21.82 33.42
CA LEU B 536 -11.37 -21.49 34.37
C LEU B 536 -10.83 -20.07 34.20
N GLY B 537 -10.81 -19.55 32.97
CA GLY B 537 -10.28 -18.23 32.73
C GLY B 537 -10.73 -17.65 31.41
N LEU B 538 -11.01 -16.34 31.40
CA LEU B 538 -11.46 -15.62 30.23
C LEU B 538 -10.44 -14.53 29.93
N HIS B 539 -10.21 -14.28 28.64
CA HIS B 539 -9.16 -13.38 28.17
C HIS B 539 -9.64 -12.69 26.90
N VAL B 540 -9.52 -11.36 26.84
CA VAL B 540 -9.90 -10.63 25.63
C VAL B 540 -8.93 -9.47 25.42
N LEU B 541 -8.47 -9.32 24.18
CA LEU B 541 -7.64 -8.20 23.74
C LEU B 541 -8.41 -7.41 22.69
N GLY B 542 -8.74 -6.17 23.01
CA GLY B 542 -9.56 -5.35 22.15
C GLY B 542 -9.93 -4.05 22.82
N PRO B 543 -10.69 -3.21 22.11
CA PRO B 543 -11.11 -1.93 22.71
C PRO B 543 -12.14 -2.14 23.80
N ASN B 544 -12.12 -1.23 24.79
CA ASN B 544 -13.09 -1.23 25.90
C ASN B 544 -13.05 -2.55 26.69
N ALA B 545 -11.85 -3.11 26.85
CA ALA B 545 -11.73 -4.47 27.38
C ALA B 545 -12.16 -4.54 28.83
N GLY B 546 -12.01 -3.42 29.57
CA GLY B 546 -12.54 -3.37 30.91
C GLY B 546 -14.05 -3.52 30.94
N GLU B 547 -14.75 -2.83 30.04
CA GLU B 547 -16.22 -2.93 30.06
C GLU B 547 -16.69 -4.28 29.54
N ILE B 548 -15.95 -4.88 28.59
CA ILE B 548 -16.29 -6.23 28.14
C ILE B 548 -16.18 -7.22 29.29
N THR B 549 -15.04 -7.21 29.99
CA THR B 549 -14.75 -8.28 30.93
C THR B 549 -15.64 -8.23 32.17
N GLN B 550 -15.91 -7.02 32.70
CA GLN B 550 -16.55 -6.86 34.01
C GLN B 550 -17.77 -7.77 34.22
N GLY B 551 -18.73 -7.71 33.30
CA GLY B 551 -19.95 -8.47 33.49
C GLY B 551 -19.71 -9.95 33.67
N TYR B 552 -18.76 -10.52 32.91
CA TYR B 552 -18.44 -11.93 32.99
C TYR B 552 -17.80 -12.34 34.32
N ALA B 553 -17.15 -11.40 35.04
CA ALA B 553 -16.65 -11.74 36.37
C ALA B 553 -17.76 -12.30 37.26
N VAL B 554 -18.98 -11.77 37.13
CA VAL B 554 -20.10 -12.25 37.93
C VAL B 554 -20.45 -13.69 37.55
N ALA B 555 -20.58 -13.96 36.25
CA ALA B 555 -20.89 -15.33 35.82
C ALA B 555 -19.81 -16.31 36.25
N ILE B 556 -18.55 -15.85 36.29
CA ILE B 556 -17.47 -16.77 36.68
C ILE B 556 -17.52 -17.03 38.19
N LYS B 557 -17.76 -16.00 38.99
CA LYS B 557 -17.97 -16.19 40.42
C LYS B 557 -19.06 -17.23 40.70
N MET B 558 -20.03 -17.33 39.80
CA MET B 558 -21.16 -18.23 39.97
C MET B 558 -20.92 -19.62 39.38
N GLY B 559 -19.71 -19.88 38.88
CA GLY B 559 -19.37 -21.19 38.35
C GLY B 559 -19.79 -21.46 36.92
N ALA B 560 -19.73 -20.45 36.05
CA ALA B 560 -20.20 -20.60 34.68
C ALA B 560 -19.42 -21.67 33.92
N THR B 561 -20.14 -22.39 33.05
CA THR B 561 -19.60 -23.39 32.14
C THR B 561 -19.71 -22.91 30.69
N LYS B 562 -19.04 -23.62 29.78
CA LYS B 562 -19.15 -23.29 28.36
C LYS B 562 -20.59 -23.32 27.87
N ALA B 563 -21.40 -24.23 28.44
CA ALA B 563 -22.78 -24.32 27.98
C ALA B 563 -23.56 -23.07 28.39
N ASP B 564 -23.31 -22.57 29.61
CA ASP B 564 -23.93 -21.30 30.01
C ASP B 564 -23.64 -20.19 29.00
N PHE B 565 -22.40 -20.13 28.49
CA PHE B 565 -22.10 -19.14 27.44
C PHE B 565 -22.89 -19.43 26.17
N ASP B 566 -22.87 -20.68 25.70
CA ASP B 566 -23.55 -21.01 24.43
C ASP B 566 -25.03 -20.63 24.49
N ARG B 567 -25.72 -21.02 25.56
CA ARG B 567 -27.16 -20.82 25.66
C ARG B 567 -27.54 -19.36 25.92
N THR B 568 -26.59 -18.45 26.18
CA THR B 568 -26.88 -17.03 26.24
C THR B 568 -26.75 -16.39 24.85
N ILE B 569 -27.67 -15.46 24.52
CA ILE B 569 -27.77 -14.85 23.19
C ILE B 569 -26.94 -13.56 23.15
N GLY B 570 -26.28 -13.31 22.02
CA GLY B 570 -25.46 -12.11 21.91
C GLY B 570 -26.25 -10.81 21.72
N ILE B 571 -25.59 -9.70 22.03
CA ILE B 571 -26.05 -8.36 21.70
C ILE B 571 -25.30 -7.89 20.46
N HIS B 572 -26.04 -7.51 19.42
CA HIS B 572 -25.46 -7.22 18.10
C HIS B 572 -25.72 -5.78 17.71
N PRO B 573 -24.72 -5.04 17.21
CA PRO B 573 -23.32 -5.45 17.00
C PRO B 573 -22.41 -4.97 18.11
N THR B 574 -21.69 -5.88 18.76
CA THR B 574 -20.70 -5.54 19.78
C THR B 574 -19.51 -6.46 19.62
N CYS B 575 -18.36 -6.04 20.20
CA CYS B 575 -17.24 -6.98 20.30
C CYS B 575 -17.57 -8.11 21.27
N SER B 576 -18.23 -7.79 22.39
CA SER B 576 -18.40 -8.77 23.47
C SER B 576 -19.21 -10.00 23.04
N GLU B 577 -20.11 -9.85 22.08
CA GLU B 577 -20.99 -10.95 21.69
C GLU B 577 -20.21 -12.14 21.13
N THR B 578 -18.97 -11.93 20.69
CA THR B 578 -18.18 -13.05 20.20
C THR B 578 -17.98 -14.14 21.26
N PHE B 579 -18.06 -13.81 22.56
CA PHE B 579 -17.94 -14.84 23.57
C PHE B 579 -19.11 -15.84 23.54
N THR B 580 -20.29 -15.45 23.03
CA THR B 580 -21.47 -16.30 23.06
C THR B 580 -21.54 -17.31 21.92
N THR B 581 -20.59 -17.30 20.99
CA THR B 581 -20.62 -18.28 19.89
C THR B 581 -19.25 -18.91 19.63
N LEU B 582 -18.39 -19.00 20.64
CA LEU B 582 -17.07 -19.57 20.39
C LEU B 582 -17.20 -21.05 20.06
N HIS B 583 -16.39 -21.52 19.11
CA HIS B 583 -16.51 -22.92 18.74
C HIS B 583 -15.22 -23.56 18.25
N VAL B 584 -14.17 -22.78 18.03
CA VAL B 584 -12.93 -23.34 17.51
C VAL B 584 -12.01 -23.70 18.66
N THR B 585 -11.66 -24.99 18.77
CA THR B 585 -10.77 -25.45 19.82
C THR B 585 -9.33 -25.43 19.36
N LYS B 586 -8.43 -25.24 20.32
CA LYS B 586 -7.00 -25.30 20.01
C LYS B 586 -6.58 -26.71 19.63
N LYS B 587 -7.13 -27.73 20.29
CA LYS B 587 -6.77 -29.10 19.94
C LYS B 587 -7.08 -29.41 18.48
N SER B 588 -8.08 -28.75 17.90
CA SER B 588 -8.48 -29.08 16.53
C SER B 588 -7.48 -28.58 15.51
N GLY B 589 -6.74 -27.52 15.83
CA GLY B 589 -5.81 -26.95 14.87
C GLY B 589 -6.43 -26.08 13.81
N VAL B 590 -7.72 -25.77 13.88
CA VAL B 590 -8.37 -24.91 12.91
C VAL B 590 -8.02 -23.45 13.19
N SER B 591 -7.88 -22.67 12.12
CA SER B 591 -7.45 -21.29 12.28
C SER B 591 -8.50 -20.47 13.01
N PRO B 592 -8.09 -19.56 13.89
CA PRO B 592 -9.08 -18.66 14.54
C PRO B 592 -9.36 -17.36 13.80
N ILE B 593 -8.84 -17.16 12.58
CA ILE B 593 -9.08 -15.88 11.89
C ILE B 593 -10.56 -15.73 11.53
N VAL B 594 -10.94 -14.50 11.21
CA VAL B 594 -12.35 -14.14 11.00
C VAL B 594 -12.81 -14.42 9.56
#